data_4B0T
#
_entry.id   4B0T
#
_cell.length_a   62.100
_cell.length_b   118.810
_cell.length_c   163.020
_cell.angle_alpha   90.00
_cell.angle_beta   90.00
_cell.angle_gamma   90.00
#
_symmetry.space_group_name_H-M   'P 21 21 21'
#
loop_
_entity.id
_entity.type
_entity.pdbx_description
1 polymer 'PUP--PROTEIN LIGASE'
2 non-polymer "ADENOSINE-5'-DIPHOSPHATE"
3 non-polymer 'MAGNESIUM ION'
4 water water
#
_entity_poly.entity_id   1
_entity_poly.type   'polypeptide(L)'
_entity_poly.pdbx_seq_one_letter_code
;MSTVESALTRRIMGIETEYGLTFVDGDSKKLRPDEIARRMFRPIVEKYSSSNIFIPNGSRLYLDVGSHPEYATAECDNLT
QLINFEKAGDVIADRMAVDAEESLAKEDIAGQVYLFKNNVDSVGNSYGCHENYLVGRSMPLKALGKRLMPFLITRQLICG
AGRIHHPNPLDKGESFPLGYCISQRSDHVWEGVSSATTRSRPIINTRDEPHADSHSYRRLHVIVGDANMAEPSIALKVGS
TLLVLEMIEADFGLPSLELANDIASIREISRDATGSTLLSLKDGTTMTALQIQQVVFEHASKWLEQRPEPEFSGTSNTEM
ARVLDLWGRMLKAIESGDFSEVDTEIDWVIKKKLIDRFIQRGNLGLDDPKLAQVDLTYHDIRPGRGLFSVLQSRGMIKRW
TTDEAILAAVDTAPDTTRAHLRGRILKAADTLGVPVTVDWMRHKVNRPEPQSVELGDPFSAVNSEVDQLIEYMTVHAESY
RSKSSVEHHHHHH
;
_entity_poly.pdbx_strand_id   A,B
#
# COMPACT_ATOMS: atom_id res chain seq x y z
N SER A 2 25.97 -34.42 13.29
CA SER A 2 26.55 -33.38 14.12
C SER A 2 25.59 -32.90 15.20
N THR A 3 25.02 -31.72 15.00
CA THR A 3 24.15 -31.12 15.99
C THR A 3 22.67 -31.22 15.60
N VAL A 4 21.94 -32.09 16.29
CA VAL A 4 20.54 -32.34 15.98
C VAL A 4 19.63 -31.18 16.41
N GLU A 5 20.07 -30.42 17.40
CA GLU A 5 19.30 -29.26 17.88
C GLU A 5 19.39 -28.07 16.91
N SER A 6 20.21 -28.18 15.88
CA SER A 6 20.33 -27.10 14.92
C SER A 6 19.23 -27.11 13.84
N ALA A 7 18.56 -28.24 13.67
CA ALA A 7 17.51 -28.35 12.66
C ALA A 7 16.35 -27.48 13.11
N LEU A 8 15.75 -26.73 12.20
CA LEU A 8 14.63 -25.93 12.65
C LEU A 8 13.41 -26.79 12.42
N THR A 9 12.95 -27.36 13.52
CA THR A 9 11.82 -28.26 13.60
C THR A 9 10.54 -27.44 13.67
N ARG A 10 10.69 -26.24 14.20
CA ARG A 10 9.71 -25.20 14.02
C ARG A 10 10.31 -24.17 13.05
N ARG A 11 9.68 -23.99 11.91
CA ARG A 11 10.20 -23.14 10.84
C ARG A 11 9.06 -22.30 10.25
N ILE A 12 9.37 -21.14 9.66
CA ILE A 12 8.31 -20.40 8.94
C ILE A 12 8.21 -20.85 7.47
N MET A 13 6.99 -20.94 6.96
CA MET A 13 6.79 -21.35 5.58
C MET A 13 5.52 -20.75 4.98
N GLY A 14 5.50 -20.60 3.66
CA GLY A 14 4.36 -20.02 2.98
C GLY A 14 4.28 -20.47 1.53
N ILE A 15 3.07 -20.45 0.95
CA ILE A 15 2.87 -20.87 -0.45
C ILE A 15 2.19 -19.72 -1.17
N GLU A 16 2.61 -19.45 -2.41
CA GLU A 16 1.94 -18.45 -3.24
C GLU A 16 1.43 -19.15 -4.49
N THR A 17 0.13 -19.04 -4.76
CA THR A 17 -0.47 -19.79 -5.85
C THR A 17 -1.18 -18.86 -6.79
N GLU A 18 -0.83 -18.95 -8.07
CA GLU A 18 -1.56 -18.25 -9.12
C GLU A 18 -2.69 -19.13 -9.65
N TYR A 19 -3.83 -18.51 -9.98
CA TYR A 19 -4.96 -19.25 -10.54
C TYR A 19 -5.22 -18.83 -11.98
N GLY A 20 -5.50 -19.81 -12.84
CA GLY A 20 -6.01 -19.54 -14.18
C GLY A 20 -7.45 -19.08 -14.14
N LEU A 21 -7.72 -17.94 -14.77
CA LEU A 21 -9.06 -17.36 -14.77
C LEU A 21 -9.68 -17.37 -16.18
N THR A 22 -10.75 -18.12 -16.37
CA THR A 22 -11.44 -18.12 -17.65
C THR A 22 -12.94 -17.83 -17.52
N PHE A 23 -13.49 -17.18 -18.52
CA PHE A 23 -14.91 -16.92 -18.55
C PHE A 23 -15.56 -17.59 -19.77
N VAL A 24 -16.62 -18.37 -19.55
CA VAL A 24 -17.28 -19.08 -20.64
C VAL A 24 -18.64 -18.48 -20.98
N ASP A 25 -18.73 -17.88 -22.16
CA ASP A 25 -20.01 -17.35 -22.66
C ASP A 25 -20.89 -18.49 -23.16
N ARG A 32 -14.73 -7.52 -22.67
CA ARG A 32 -13.63 -8.47 -22.73
C ARG A 32 -13.54 -9.27 -21.43
N PRO A 33 -12.54 -10.16 -21.34
CA PRO A 33 -12.26 -10.89 -20.10
C PRO A 33 -11.71 -9.97 -19.02
N ASP A 34 -11.12 -8.85 -19.42
CA ASP A 34 -10.56 -7.88 -18.49
C ASP A 34 -11.66 -7.26 -17.64
N GLU A 35 -12.89 -7.29 -18.15
CA GLU A 35 -14.04 -6.78 -17.42
C GLU A 35 -14.50 -7.79 -16.38
N ILE A 36 -14.22 -9.07 -16.65
CA ILE A 36 -14.55 -10.14 -15.72
C ILE A 36 -13.64 -10.07 -14.49
N ALA A 37 -12.36 -9.86 -14.73
CA ALA A 37 -11.38 -9.82 -13.65
C ALA A 37 -11.65 -8.61 -12.74
N ARG A 38 -11.91 -7.48 -13.37
CA ARG A 38 -12.22 -6.23 -12.67
C ARG A 38 -13.44 -6.32 -11.76
N ARG A 39 -14.52 -6.94 -12.23
CA ARG A 39 -15.73 -7.07 -11.41
C ARG A 39 -15.54 -8.08 -10.29
N MET A 40 -14.73 -9.09 -10.57
CA MET A 40 -14.43 -10.10 -9.59
C MET A 40 -13.56 -9.56 -8.45
N PHE A 41 -12.58 -8.72 -8.79
CA PHE A 41 -11.65 -8.16 -7.82
C PHE A 41 -12.28 -7.04 -6.99
N ARG A 42 -13.36 -6.47 -7.51
CA ARG A 42 -13.90 -5.23 -6.98
C ARG A 42 -14.23 -5.24 -5.49
N PRO A 43 -15.04 -6.21 -5.04
CA PRO A 43 -15.39 -6.23 -3.61
C PRO A 43 -14.16 -6.25 -2.70
N ILE A 44 -13.16 -7.07 -3.01
CA ILE A 44 -12.01 -7.17 -2.13
C ILE A 44 -11.08 -5.96 -2.25
N VAL A 45 -10.98 -5.39 -3.45
CA VAL A 45 -10.14 -4.22 -3.64
C VAL A 45 -10.68 -3.03 -2.86
N GLU A 46 -11.98 -2.79 -2.95
CA GLU A 46 -12.56 -1.65 -2.24
C GLU A 46 -12.52 -1.84 -0.71
N LYS A 47 -12.66 -3.08 -0.25
CA LYS A 47 -12.66 -3.34 1.19
C LYS A 47 -11.28 -3.36 1.85
N TYR A 48 -10.33 -4.09 1.25
CA TYR A 48 -9.00 -4.23 1.83
C TYR A 48 -7.78 -3.48 1.27
N SER A 49 -7.93 -2.76 0.16
CA SER A 49 -6.77 -2.13 -0.44
C SER A 49 -6.34 -0.98 0.48
N SER A 50 -5.05 -0.64 0.46
CA SER A 50 -4.59 0.51 1.24
C SER A 50 -5.28 1.81 0.78
N SER A 51 -5.69 2.62 1.74
CA SER A 51 -6.32 3.91 1.49
C SER A 51 -5.36 5.01 1.04
N ASN A 52 -4.07 4.76 1.12
CA ASN A 52 -3.10 5.76 0.68
C ASN A 52 -2.76 5.53 -0.79
N ILE A 53 -3.22 6.43 -1.66
CA ILE A 53 -3.10 6.24 -3.09
C ILE A 53 -2.18 7.26 -3.74
N PHE A 54 -1.07 6.77 -4.27
CA PHE A 54 -0.08 7.63 -4.90
C PHE A 54 -0.34 7.72 -6.39
N ILE A 55 -0.29 8.95 -6.92
CA ILE A 55 -0.63 9.19 -8.33
C ILE A 55 0.56 9.77 -9.09
N PRO A 56 0.53 9.70 -10.43
CA PRO A 56 1.76 9.98 -11.22
C PRO A 56 2.34 11.38 -11.05
N ASN A 57 1.60 12.35 -10.53
CA ASN A 57 2.23 13.66 -10.32
C ASN A 57 3.03 13.70 -9.01
N GLY A 58 3.13 12.56 -8.31
CA GLY A 58 3.92 12.44 -7.09
C GLY A 58 3.16 12.71 -5.79
N SER A 59 1.95 13.24 -5.94
CA SER A 59 1.00 13.48 -4.84
C SER A 59 0.31 12.21 -4.31
N ARG A 60 -0.30 12.34 -3.14
CA ARG A 60 -1.09 11.26 -2.57
C ARG A 60 -2.53 11.63 -2.24
N LEU A 61 -3.46 10.75 -2.62
CA LEU A 61 -4.86 10.89 -2.21
C LEU A 61 -5.14 9.88 -1.12
N TYR A 62 -5.77 10.33 -0.05
CA TYR A 62 -6.22 9.43 1.00
C TYR A 62 -7.75 9.28 0.89
N LEU A 63 -8.19 8.09 0.47
CA LEU A 63 -9.62 7.83 0.20
C LEU A 63 -10.14 6.63 0.99
N ASP A 64 -11.02 6.91 1.93
CA ASP A 64 -11.65 5.86 2.73
C ASP A 64 -13.12 6.23 2.89
N VAL A 65 -14.01 5.31 2.56
CA VAL A 65 -15.43 5.66 2.46
C VAL A 65 -16.08 6.30 3.72
N GLY A 66 -15.50 6.10 4.89
CA GLY A 66 -15.99 6.84 6.04
C GLY A 66 -15.22 8.11 6.43
N SER A 67 -14.26 8.52 5.60
CA SER A 67 -13.37 9.63 5.96
C SER A 67 -13.46 10.77 4.94
N HIS A 68 -13.03 11.95 5.34
CA HIS A 68 -12.90 13.07 4.42
C HIS A 68 -11.84 12.70 3.37
N PRO A 69 -12.12 12.97 2.09
CA PRO A 69 -11.02 12.77 1.13
C PRO A 69 -9.92 13.80 1.35
N GLU A 70 -8.68 13.36 1.30
CA GLU A 70 -7.56 14.27 1.52
C GLU A 70 -6.53 14.22 0.39
N TYR A 71 -6.00 15.37 0.02
CA TYR A 71 -4.96 15.44 -1.00
C TYR A 71 -3.71 16.00 -0.39
N ALA A 72 -2.61 15.26 -0.53
CA ALA A 72 -1.32 15.71 0.00
C ALA A 72 -0.38 15.94 -1.17
N THR A 73 0.13 17.16 -1.30
CA THR A 73 0.95 17.51 -2.45
C THR A 73 2.23 16.66 -2.42
N ALA A 74 2.84 16.52 -3.59
CA ALA A 74 4.20 16.02 -3.72
C ALA A 74 5.15 17.00 -3.03
N GLU A 75 6.34 16.53 -2.69
CA GLU A 75 7.36 17.39 -2.12
C GLU A 75 7.70 18.54 -3.06
N CYS A 76 7.61 19.79 -2.58
CA CYS A 76 8.00 20.94 -3.39
C CYS A 76 9.17 21.70 -2.74
N ASP A 77 10.10 22.17 -3.58
CA ASP A 77 11.20 23.05 -3.17
C ASP A 77 11.08 24.55 -3.48
N ASN A 78 9.92 24.99 -3.96
CA ASN A 78 9.75 26.37 -4.42
C ASN A 78 8.32 26.87 -4.10
N LEU A 79 8.17 28.13 -3.70
CA LEU A 79 6.85 28.64 -3.30
C LEU A 79 5.78 28.55 -4.41
N THR A 80 6.11 29.02 -5.59
CA THR A 80 5.16 29.01 -6.70
C THR A 80 4.80 27.59 -7.11
N GLN A 81 5.81 26.73 -7.16
CA GLN A 81 5.61 25.30 -7.45
C GLN A 81 4.67 24.66 -6.43
N LEU A 82 4.86 24.93 -5.14
CA LEU A 82 3.93 24.42 -4.13
C LEU A 82 2.50 24.87 -4.44
N ILE A 83 2.34 26.15 -4.81
CA ILE A 83 1.02 26.66 -5.16
C ILE A 83 0.42 25.90 -6.35
N ASN A 84 1.22 25.70 -7.39
CA ASN A 84 0.79 24.90 -8.54
C ASN A 84 0.22 23.54 -8.17
N PHE A 85 0.94 22.83 -7.29
CA PHE A 85 0.54 21.49 -6.87
C PHE A 85 -0.64 21.42 -5.92
N GLU A 86 -0.77 22.43 -5.06
CA GLU A 86 -1.97 22.50 -4.21
C GLU A 86 -3.20 22.75 -5.07
N LYS A 87 -3.08 23.69 -6.02
CA LYS A 87 -4.18 23.96 -6.96
C LYS A 87 -4.46 22.75 -7.85
N ALA A 88 -3.43 21.96 -8.19
CA ALA A 88 -3.66 20.77 -8.99
C ALA A 88 -4.54 19.79 -8.22
N GLY A 89 -4.35 19.73 -6.91
CA GLY A 89 -5.22 18.91 -6.09
C GLY A 89 -6.67 19.32 -6.24
N ASP A 90 -6.97 20.62 -6.22
CA ASP A 90 -8.36 21.06 -6.39
C ASP A 90 -8.91 20.59 -7.73
N VAL A 91 -8.08 20.69 -8.78
CA VAL A 91 -8.51 20.21 -10.10
C VAL A 91 -8.81 18.71 -10.09
N ILE A 92 -7.91 17.93 -9.50
CA ILE A 92 -8.06 16.48 -9.46
C ILE A 92 -9.28 16.05 -8.65
N ALA A 93 -9.49 16.68 -7.49
CA ALA A 93 -10.63 16.33 -6.67
C ALA A 93 -11.93 16.75 -7.36
N ASP A 94 -11.92 17.94 -7.95
CA ASP A 94 -13.12 18.39 -8.68
C ASP A 94 -13.51 17.42 -9.80
N ARG A 95 -12.51 16.93 -10.53
CA ARG A 95 -12.76 15.97 -11.62
C ARG A 95 -13.39 14.68 -11.13
N MET A 96 -13.04 14.25 -9.92
CA MET A 96 -13.68 13.09 -9.32
C MET A 96 -15.17 13.33 -9.10
N ALA A 97 -15.51 14.49 -8.55
CA ALA A 97 -16.90 14.88 -8.35
C ALA A 97 -17.67 14.92 -9.67
N VAL A 98 -17.07 15.54 -10.68
CA VAL A 98 -17.72 15.67 -12.00
C VAL A 98 -18.02 14.29 -12.58
N ASP A 99 -17.05 13.39 -12.53
CA ASP A 99 -17.24 12.04 -13.03
C ASP A 99 -18.29 11.25 -12.25
N ALA A 100 -18.38 11.47 -10.94
CA ALA A 100 -19.46 10.87 -10.16
C ALA A 100 -20.86 11.36 -10.60
N GLU A 101 -21.01 12.66 -10.82
CA GLU A 101 -22.28 13.19 -11.32
C GLU A 101 -22.69 12.55 -12.64
N GLU A 102 -21.71 12.30 -13.50
CA GLU A 102 -22.00 11.73 -14.82
C GLU A 102 -22.39 10.27 -14.73
N SER A 103 -21.69 9.51 -13.90
CA SER A 103 -22.02 8.09 -13.75
C SER A 103 -23.39 7.94 -13.10
N LEU A 104 -23.74 8.89 -12.23
CA LEU A 104 -25.08 8.92 -11.66
C LEU A 104 -26.10 9.28 -12.73
N ALA A 105 -25.79 10.29 -13.54
CA ALA A 105 -26.72 10.72 -14.57
C ALA A 105 -26.95 9.63 -15.62
N LYS A 106 -25.93 8.79 -15.84
CA LYS A 106 -26.06 7.67 -16.76
C LYS A 106 -27.11 6.70 -16.22
N GLU A 107 -27.07 6.51 -14.91
CA GLU A 107 -28.17 5.90 -14.19
C GLU A 107 -29.29 6.93 -14.08
N ASP A 108 -30.50 6.48 -13.80
CA ASP A 108 -31.63 7.39 -13.64
C ASP A 108 -31.32 8.57 -12.71
N ILE A 109 -30.63 8.29 -11.61
CA ILE A 109 -30.40 9.29 -10.56
C ILE A 109 -29.56 10.51 -10.97
N ALA A 110 -30.04 11.69 -10.60
CA ALA A 110 -29.36 12.93 -10.95
C ALA A 110 -29.27 13.85 -9.74
N GLY A 111 -28.27 14.74 -9.75
CA GLY A 111 -28.05 15.63 -8.63
C GLY A 111 -26.63 16.17 -8.63
N GLN A 112 -26.30 16.98 -7.63
CA GLN A 112 -24.98 17.61 -7.62
C GLN A 112 -24.06 17.16 -6.48
N VAL A 113 -22.79 16.97 -6.82
CA VAL A 113 -21.76 16.67 -5.84
C VAL A 113 -20.98 17.93 -5.51
N TYR A 114 -20.89 18.24 -4.21
CA TYR A 114 -20.12 19.39 -3.76
C TYR A 114 -18.90 18.96 -2.94
N LEU A 115 -17.75 19.54 -3.28
CA LEU A 115 -16.53 19.42 -2.50
C LEU A 115 -16.16 20.82 -2.04
N PHE A 116 -16.00 21.01 -0.73
CA PHE A 116 -15.73 22.32 -0.19
C PHE A 116 -14.34 22.36 0.35
N LYS A 117 -13.57 23.37 -0.01
CA LYS A 117 -12.29 23.44 0.64
C LYS A 117 -12.40 24.57 1.65
N ASN A 118 -12.77 24.19 2.86
CA ASN A 118 -12.90 25.12 3.98
C ASN A 118 -12.60 24.28 5.21
N ASN A 119 -12.62 24.90 6.38
CA ASN A 119 -12.30 24.16 7.61
C ASN A 119 -13.42 23.72 8.57
N VAL A 120 -14.66 24.09 8.28
CA VAL A 120 -15.77 23.80 9.16
C VAL A 120 -16.99 23.44 8.33
N ASP A 121 -17.89 22.64 8.90
CA ASP A 121 -19.14 22.28 8.24
C ASP A 121 -20.34 22.70 9.10
N SER A 122 -21.54 22.64 8.53
CA SER A 122 -22.74 23.03 9.26
C SER A 122 -22.93 22.31 10.60
N VAL A 123 -22.36 21.13 10.74
CA VAL A 123 -22.54 20.34 11.96
C VAL A 123 -21.48 20.57 13.03
N GLY A 124 -20.43 21.30 12.70
CA GLY A 124 -19.36 21.56 13.64
C GLY A 124 -18.13 20.69 13.46
N ASN A 125 -18.14 19.83 12.45
CA ASN A 125 -16.95 19.04 12.11
C ASN A 125 -15.78 19.91 11.65
N SER A 126 -14.58 19.41 11.88
CA SER A 126 -13.36 20.11 11.55
C SER A 126 -12.70 19.46 10.33
N TYR A 127 -12.04 20.28 9.50
CA TYR A 127 -11.31 19.82 8.32
C TYR A 127 -9.97 20.54 8.29
N GLY A 128 -8.86 19.81 8.25
CA GLY A 128 -7.55 20.42 8.30
C GLY A 128 -6.95 20.88 6.98
N CYS A 129 -6.19 21.98 7.00
CA CYS A 129 -5.24 22.21 5.92
C CYS A 129 -3.86 22.32 6.58
N HIS A 130 -3.04 21.30 6.43
CA HIS A 130 -1.81 21.22 7.22
C HIS A 130 -0.56 21.49 6.41
N GLU A 131 0.40 22.16 7.05
CA GLU A 131 1.65 22.51 6.40
C GLU A 131 2.76 21.62 6.93
N ASN A 132 3.67 21.25 6.03
CA ASN A 132 4.84 20.47 6.38
C ASN A 132 6.08 21.20 5.88
N TYR A 133 7.03 21.43 6.76
CA TYR A 133 8.25 22.14 6.40
C TYR A 133 9.45 21.31 6.83
N LEU A 134 10.38 21.09 5.91
CA LEU A 134 11.63 20.47 6.31
C LEU A 134 12.50 21.53 7.01
N VAL A 135 13.11 21.15 8.13
CA VAL A 135 14.09 22.01 8.80
C VAL A 135 15.31 21.16 9.17
N GLY A 136 16.45 21.79 9.37
CA GLY A 136 17.64 21.05 9.74
C GLY A 136 17.68 20.77 11.24
N ARG A 137 18.37 19.71 11.63
CA ARG A 137 18.55 19.42 13.05
C ARG A 137 19.28 20.59 13.70
N SER A 138 19.81 21.45 12.84
CA SER A 138 20.44 22.71 13.25
C SER A 138 19.55 23.55 14.19
N MET A 139 18.32 23.81 13.76
CA MET A 139 17.40 24.66 14.52
C MET A 139 16.99 24.06 15.86
N PRO A 140 17.09 24.86 16.94
CA PRO A 140 16.85 24.39 18.32
C PRO A 140 15.36 24.21 18.64
N LEU A 141 15.04 23.23 19.49
CA LEU A 141 13.67 22.99 19.93
C LEU A 141 13.07 24.27 20.51
N LYS A 142 13.88 24.96 21.31
CA LYS A 142 13.44 26.13 22.07
C LYS A 142 12.90 27.26 21.19
N ALA A 143 13.56 27.51 20.07
CA ALA A 143 13.22 28.66 19.23
C ALA A 143 11.77 28.67 18.78
N LEU A 144 11.19 27.49 18.60
CA LEU A 144 9.83 27.40 18.07
C LEU A 144 8.84 28.13 18.94
N GLY A 145 8.85 27.82 20.22
CA GLY A 145 7.99 28.48 21.19
C GLY A 145 8.30 29.96 21.27
N LYS A 146 9.57 30.31 21.16
CA LYS A 146 9.98 31.70 21.36
C LYS A 146 9.70 32.58 20.14
N ARG A 147 9.98 32.03 18.97
CA ARG A 147 10.00 32.85 17.76
C ARG A 147 8.88 32.49 16.76
N LEU A 148 8.87 31.25 16.29
CA LEU A 148 7.81 30.79 15.40
C LEU A 148 6.39 30.93 15.99
N MET A 149 6.16 30.38 17.18
CA MET A 149 4.80 30.35 17.73
C MET A 149 4.05 31.71 17.77
N PRO A 150 4.70 32.79 18.26
CA PRO A 150 3.96 34.05 18.33
C PRO A 150 3.52 34.54 16.94
N PHE A 151 4.40 34.36 15.95
CA PHE A 151 4.04 34.68 14.58
C PHE A 151 2.84 33.85 14.13
N LEU A 152 2.84 32.56 14.45
CA LEU A 152 1.75 31.67 14.02
C LEU A 152 0.39 32.03 14.62
N ILE A 153 0.37 32.37 15.90
CA ILE A 153 -0.87 32.73 16.57
C ILE A 153 -1.52 33.96 15.91
N THR A 154 -0.69 34.91 15.49
CA THR A 154 -1.20 36.12 14.88
C THR A 154 -1.30 36.08 13.32
N ARG A 155 -0.79 35.02 12.70
CA ARG A 155 -0.70 34.95 11.23
C ARG A 155 -2.06 35.01 10.57
N GLN A 156 -3.07 34.53 11.30
CA GLN A 156 -4.45 34.59 10.86
C GLN A 156 -4.88 36.01 10.40
N LEU A 157 -4.33 37.05 11.04
CA LEU A 157 -4.68 38.43 10.67
C LEU A 157 -4.41 38.68 9.19
N ILE A 158 -3.27 38.20 8.72
CA ILE A 158 -2.90 38.40 7.33
C ILE A 158 -3.49 37.40 6.30
N CYS A 159 -3.51 36.12 6.64
CA CYS A 159 -4.02 35.05 5.78
C CYS A 159 -5.36 34.31 6.00
N GLY A 160 -6.15 34.65 7.02
CA GLY A 160 -7.37 33.91 7.29
C GLY A 160 -8.34 33.85 6.12
N ALA A 161 -9.20 32.82 6.05
CA ALA A 161 -10.23 32.75 5.00
C ALA A 161 -11.60 33.31 5.35
N GLY A 162 -11.82 33.60 6.63
CA GLY A 162 -13.05 34.23 7.10
C GLY A 162 -14.16 33.22 7.34
N ARG A 163 -15.02 33.49 8.31
CA ARG A 163 -16.28 32.75 8.46
C ARG A 163 -17.28 33.53 9.31
N ILE A 164 -18.55 33.22 9.14
CA ILE A 164 -19.58 33.81 9.98
C ILE A 164 -19.79 32.92 11.21
N HIS A 165 -19.57 33.47 12.40
CA HIS A 165 -19.73 32.71 13.62
C HIS A 165 -21.13 32.84 14.23
N HIS A 166 -21.76 31.69 14.49
CA HIS A 166 -23.00 31.64 15.25
C HIS A 166 -22.79 31.03 16.63
N PRO A 167 -23.15 31.77 17.68
CA PRO A 167 -23.09 31.19 19.03
C PRO A 167 -23.92 29.92 19.13
N ASN A 168 -23.32 28.87 19.68
CA ASN A 168 -24.02 27.62 19.98
C ASN A 168 -24.63 27.65 21.39
N PRO A 169 -25.97 27.55 21.48
CA PRO A 169 -26.66 27.72 22.77
C PRO A 169 -26.29 26.64 23.79
N LEU A 170 -25.86 25.47 23.32
CA LEU A 170 -25.45 24.38 24.19
C LEU A 170 -23.96 24.38 24.54
N ASP A 171 -23.21 25.28 23.93
CA ASP A 171 -21.80 25.41 24.27
C ASP A 171 -21.69 25.69 25.76
N LYS A 172 -20.69 25.09 26.40
CA LYS A 172 -20.53 25.27 27.84
C LYS A 172 -19.28 26.09 28.15
N GLY A 173 -19.43 27.07 29.02
CA GLY A 173 -18.31 27.83 29.55
C GLY A 173 -17.91 29.09 28.80
N GLU A 174 -18.27 29.20 27.53
CA GLU A 174 -17.93 30.40 26.78
C GLU A 174 -18.93 30.73 25.69
N SER A 175 -19.09 32.02 25.44
CA SER A 175 -19.99 32.49 24.40
C SER A 175 -19.33 33.60 23.62
N PHE A 176 -19.28 33.46 22.31
CA PHE A 176 -18.91 34.58 21.47
C PHE A 176 -20.16 34.85 20.65
N PRO A 177 -20.42 36.14 20.40
CA PRO A 177 -21.62 36.63 19.71
C PRO A 177 -21.58 36.36 18.21
N LEU A 178 -22.74 36.45 17.57
CA LEU A 178 -22.83 36.38 16.13
C LEU A 178 -21.90 37.43 15.57
N GLY A 179 -21.00 37.01 14.68
CA GLY A 179 -19.98 37.89 14.14
C GLY A 179 -19.14 37.23 13.05
N TYR A 180 -18.50 38.08 12.24
CA TYR A 180 -17.57 37.62 11.22
C TYR A 180 -16.20 37.43 11.86
N CYS A 181 -15.61 36.25 11.68
CA CYS A 181 -14.23 36.00 12.13
C CYS A 181 -13.31 35.96 10.93
N ILE A 182 -12.07 36.42 11.10
CA ILE A 182 -11.12 36.37 9.99
C ILE A 182 -10.58 34.97 9.79
N SER A 183 -10.68 34.15 10.83
CA SER A 183 -10.14 32.80 10.77
C SER A 183 -11.23 31.73 10.88
N GLN A 184 -11.13 30.69 10.08
CA GLN A 184 -12.01 29.53 10.26
C GLN A 184 -11.57 28.60 11.40
N ARG A 185 -10.27 28.42 11.56
CA ARG A 185 -9.72 27.37 12.42
C ARG A 185 -9.58 27.67 13.92
N SER A 186 -9.58 28.95 14.29
CA SER A 186 -9.12 29.32 15.63
C SER A 186 -9.86 28.66 16.80
N ASP A 187 -11.19 28.55 16.73
CA ASP A 187 -11.94 27.97 17.85
C ASP A 187 -11.60 26.49 18.02
N HIS A 188 -11.47 25.79 16.89
CA HIS A 188 -11.14 24.37 16.93
C HIS A 188 -9.72 24.15 17.42
N VAL A 189 -8.79 25.02 16.98
CA VAL A 189 -7.42 24.93 17.46
C VAL A 189 -7.38 25.10 18.98
N TRP A 190 -8.15 26.08 19.47
CA TRP A 190 -8.25 26.33 20.91
C TRP A 190 -8.72 25.07 21.64
N GLU A 191 -9.80 24.46 21.14
CA GLU A 191 -10.30 23.24 21.77
C GLU A 191 -9.23 22.16 21.83
N GLY A 192 -8.54 21.95 20.72
CA GLY A 192 -7.58 20.87 20.63
C GLY A 192 -6.45 21.04 21.63
N VAL A 193 -5.93 22.26 21.71
CA VAL A 193 -4.86 22.56 22.66
C VAL A 193 -5.36 22.52 24.11
N SER A 194 -6.57 23.01 24.35
CA SER A 194 -7.10 23.05 25.72
C SER A 194 -7.31 21.67 26.28
N SER A 195 -7.54 20.70 25.39
CA SER A 195 -7.93 19.36 25.82
C SER A 195 -6.79 18.62 26.50
N ALA A 196 -7.10 18.01 27.63
CA ALA A 196 -6.19 17.12 28.36
C ALA A 196 -6.46 15.63 28.06
N THR A 197 -7.40 15.37 27.17
CA THR A 197 -7.68 14.00 26.70
C THR A 197 -7.07 13.59 25.33
N THR A 198 -7.52 12.44 24.84
CA THR A 198 -7.20 12.01 23.48
C THR A 198 -7.62 13.07 22.43
N ARG A 199 -8.50 13.99 22.82
CA ARG A 199 -8.93 15.08 21.93
C ARG A 199 -7.90 16.19 21.69
N SER A 200 -6.76 16.13 22.37
CA SER A 200 -5.77 17.19 22.22
C SER A 200 -5.02 17.19 20.87
N ARG A 201 -4.98 18.35 20.22
CA ARG A 201 -4.16 18.57 19.01
C ARG A 201 -3.11 19.69 19.17
N PRO A 202 -1.82 19.35 19.22
CA PRO A 202 -0.74 20.35 19.28
C PRO A 202 -0.61 21.18 18.00
N ILE A 203 -0.29 22.47 18.16
CA ILE A 203 -0.22 23.39 17.03
C ILE A 203 0.99 23.11 16.13
N ILE A 204 2.14 22.85 16.75
CA ILE A 204 3.35 22.48 16.04
C ILE A 204 3.82 21.11 16.52
N ASN A 205 4.27 20.26 15.59
CA ASN A 205 4.81 18.94 15.89
CA ASN A 205 4.88 18.98 15.95
C ASN A 205 6.14 18.73 15.15
N THR A 206 7.25 18.55 15.86
CA THR A 206 8.53 18.27 15.22
C THR A 206 8.94 16.81 15.18
N ARG A 207 8.14 15.95 15.82
CA ARG A 207 8.56 14.57 16.04
C ARG A 207 8.05 13.53 15.03
N ASP A 208 7.34 14.00 14.00
CA ASP A 208 6.77 13.09 13.01
C ASP A 208 7.89 12.34 12.30
N GLU A 209 7.57 11.19 11.70
CA GLU A 209 8.49 10.51 10.81
C GLU A 209 8.91 11.54 9.77
N PRO A 210 10.22 11.77 9.63
CA PRO A 210 10.68 12.84 8.73
C PRO A 210 10.44 12.59 7.24
N HIS A 211 10.22 11.35 6.82
CA HIS A 211 10.23 10.98 5.40
C HIS A 211 11.53 11.45 4.76
N ALA A 212 12.61 11.34 5.52
CA ALA A 212 13.95 11.79 5.13
C ALA A 212 14.96 11.03 5.99
N ASP A 213 16.24 11.10 5.63
CA ASP A 213 17.27 10.58 6.51
C ASP A 213 17.16 11.28 7.87
N SER A 214 17.02 10.47 8.92
CA SER A 214 16.66 10.96 10.25
C SER A 214 17.71 11.85 10.88
N HIS A 215 18.97 11.63 10.53
CA HIS A 215 20.07 12.36 11.13
C HIS A 215 20.13 13.81 10.66
N SER A 216 19.99 14.01 9.36
CA SER A 216 20.08 15.34 8.80
C SER A 216 18.80 16.16 9.00
N TYR A 217 17.66 15.51 8.84
CA TYR A 217 16.40 16.24 8.61
C TYR A 217 15.23 15.94 9.56
N ARG A 218 14.60 17.02 10.03
CA ARG A 218 13.36 16.95 10.77
C ARG A 218 12.21 17.51 9.93
N ARG A 219 11.02 16.96 10.13
CA ARG A 219 9.82 17.46 9.48
C ARG A 219 8.99 18.21 10.52
N LEU A 220 8.66 19.46 10.21
CA LEU A 220 7.80 20.27 11.07
C LEU A 220 6.36 20.34 10.51
N HIS A 221 5.39 19.90 11.31
CA HIS A 221 3.98 19.76 10.92
C HIS A 221 3.12 20.81 11.63
N VAL A 222 2.54 21.75 10.87
CA VAL A 222 1.77 22.85 11.43
C VAL A 222 0.25 22.77 11.11
N ILE A 223 -0.58 22.81 12.14
CA ILE A 223 -2.05 22.66 11.98
C ILE A 223 -2.94 23.91 11.99
N VAL A 224 -2.36 25.09 12.14
CA VAL A 224 -3.15 26.26 12.50
C VAL A 224 -3.79 27.03 11.34
N GLY A 225 -3.38 26.77 10.11
CA GLY A 225 -3.82 27.59 8.97
C GLY A 225 -5.19 27.24 8.41
N ASP A 226 -5.88 28.22 7.84
CA ASP A 226 -7.11 27.95 7.08
C ASP A 226 -6.80 27.32 5.71
N ALA A 227 -7.77 26.64 5.12
CA ALA A 227 -7.68 26.35 3.71
C ALA A 227 -7.98 27.64 2.93
N ASN A 228 -7.08 28.02 2.03
CA ASN A 228 -7.20 29.25 1.24
C ASN A 228 -7.58 29.01 -0.22
N MET A 229 -8.46 29.84 -0.77
CA MET A 229 -8.73 29.87 -2.21
C MET A 229 -7.80 30.73 -3.08
N ALA A 230 -7.63 32.00 -2.71
CA ALA A 230 -6.91 32.97 -3.53
C ALA A 230 -5.42 32.65 -3.51
N GLU A 231 -4.80 32.61 -4.69
CA GLU A 231 -3.40 32.25 -4.79
C GLU A 231 -2.46 33.16 -3.97
N PRO A 232 -2.71 34.48 -3.97
CA PRO A 232 -1.87 35.40 -3.18
C PRO A 232 -2.00 35.13 -1.68
N SER A 233 -3.13 34.59 -1.24
CA SER A 233 -3.31 34.24 0.16
C SER A 233 -2.49 33.02 0.56
N ILE A 234 -2.46 32.00 -0.31
CA ILE A 234 -1.58 30.84 -0.09
C ILE A 234 -0.11 31.29 -0.09
N ALA A 235 0.23 32.17 -1.03
CA ALA A 235 1.59 32.68 -1.15
C ALA A 235 2.04 33.42 0.10
N LEU A 236 1.17 34.28 0.64
CA LEU A 236 1.51 35.05 1.85
C LEU A 236 1.59 34.14 3.07
N LYS A 237 0.63 33.23 3.21
CA LYS A 237 0.61 32.29 4.32
C LYS A 237 1.91 31.50 4.42
N VAL A 238 2.26 30.80 3.34
CA VAL A 238 3.45 29.95 3.33
C VAL A 238 4.73 30.82 3.24
N GLY A 239 4.66 31.87 2.43
CA GLY A 239 5.79 32.76 2.19
C GLY A 239 6.28 33.45 3.46
N SER A 240 5.35 34.04 4.22
CA SER A 240 5.74 34.69 5.46
C SER A 240 6.40 33.68 6.37
N THR A 241 5.80 32.50 6.49
CA THR A 241 6.30 31.45 7.37
C THR A 241 7.72 31.01 6.96
N LEU A 242 7.98 30.92 5.65
CA LEU A 242 9.30 30.57 5.15
C LEU A 242 10.38 31.56 5.61
N LEU A 243 10.08 32.85 5.47
CA LEU A 243 10.98 33.91 5.92
C LEU A 243 11.26 33.81 7.42
N VAL A 244 10.22 33.56 8.21
CA VAL A 244 10.41 33.42 9.66
C VAL A 244 11.33 32.25 9.97
N LEU A 245 11.15 31.12 9.28
CA LEU A 245 12.03 29.98 9.49
C LEU A 245 13.48 30.29 9.13
N GLU A 246 13.67 31.02 8.03
CA GLU A 246 15.03 31.37 7.58
C GLU A 246 15.72 32.27 8.61
N MET A 247 15.02 33.29 9.08
CA MET A 247 15.57 34.17 10.10
C MET A 247 15.99 33.40 11.36
N ILE A 248 15.12 32.49 11.82
CA ILE A 248 15.48 31.64 12.94
C ILE A 248 16.75 30.82 12.62
N GLU A 249 16.73 30.12 11.49
CA GLU A 249 17.88 29.31 11.06
C GLU A 249 19.16 30.14 10.94
N ALA A 250 19.03 31.40 10.55
CA ALA A 250 20.19 32.27 10.31
C ALA A 250 20.61 33.02 11.58
N ASP A 251 19.85 32.83 12.66
CA ASP A 251 20.10 33.53 13.90
C ASP A 251 20.18 35.03 13.58
N PHE A 252 19.16 35.53 12.89
CA PHE A 252 19.22 36.87 12.33
C PHE A 252 18.81 37.96 13.34
N GLY A 253 18.41 37.55 14.53
CA GLY A 253 18.08 38.52 15.58
C GLY A 253 16.61 38.83 15.79
N LEU A 254 15.74 37.99 15.27
CA LEU A 254 14.32 38.06 15.59
C LEU A 254 14.15 38.00 17.12
N PRO A 255 13.47 38.99 17.69
CA PRO A 255 13.33 39.05 19.15
C PRO A 255 12.49 37.89 19.65
N SER A 256 12.66 37.52 20.91
CA SER A 256 11.80 36.50 21.48
C SER A 256 10.52 37.19 21.94
N LEU A 257 9.43 36.79 21.30
CA LEU A 257 8.06 37.22 21.57
C LEU A 257 7.25 36.28 22.46
N GLU A 258 7.92 35.29 23.06
CA GLU A 258 7.27 34.11 23.60
C GLU A 258 6.04 34.43 24.45
N LEU A 259 4.98 33.66 24.26
CA LEU A 259 3.69 33.93 24.90
C LEU A 259 3.55 33.17 26.20
N ALA A 260 2.90 33.80 27.18
CA ALA A 260 2.65 33.14 28.45
C ALA A 260 1.79 31.90 28.24
N ASN A 261 0.71 32.07 27.49
CA ASN A 261 -0.13 30.97 27.05
C ASN A 261 -0.53 31.12 25.57
N ASP A 262 -0.13 30.18 24.73
CA ASP A 262 -0.31 30.31 23.29
C ASP A 262 -1.75 30.57 22.83
N ILE A 263 -2.71 29.87 23.42
CA ILE A 263 -4.09 29.95 22.96
C ILE A 263 -4.97 30.96 23.70
N ALA A 264 -4.39 31.69 24.66
CA ALA A 264 -5.18 32.60 25.48
C ALA A 264 -5.90 33.65 24.65
N SER A 265 -5.21 34.21 23.66
CA SER A 265 -5.82 35.18 22.75
C SER A 265 -6.28 34.69 21.36
N ILE A 266 -6.06 33.42 21.03
CA ILE A 266 -6.22 32.99 19.64
C ILE A 266 -7.63 33.21 19.09
N ARG A 267 -8.64 32.88 19.90
CA ARG A 267 -10.02 33.10 19.48
C ARG A 267 -10.34 34.59 19.41
N GLU A 268 -9.77 35.39 20.31
CA GLU A 268 -10.07 36.83 20.32
C GLU A 268 -9.45 37.56 19.12
N ILE A 269 -8.23 37.20 18.74
CA ILE A 269 -7.62 37.79 17.57
C ILE A 269 -8.51 37.62 16.34
N SER A 270 -9.19 36.48 16.28
CA SER A 270 -10.03 36.13 15.14
C SER A 270 -11.19 37.10 14.95
N ARG A 271 -11.73 37.58 16.07
CA ARG A 271 -12.87 38.50 16.09
C ARG A 271 -12.47 39.97 15.90
N ASP A 272 -11.18 40.30 15.83
CA ASP A 272 -10.84 41.71 15.73
C ASP A 272 -9.92 42.07 14.57
N ALA A 273 -10.49 42.76 13.60
CA ALA A 273 -9.80 43.03 12.35
C ALA A 273 -8.89 44.28 12.45
N THR A 274 -8.91 44.95 13.59
CA THR A 274 -7.97 46.05 13.85
C THR A 274 -6.66 45.54 14.44
N GLY A 275 -6.64 44.28 14.87
CA GLY A 275 -5.44 43.68 15.43
C GLY A 275 -5.02 44.28 16.76
N SER A 276 -5.98 44.91 17.44
CA SER A 276 -5.71 45.56 18.71
C SER A 276 -5.73 44.57 19.89
N THR A 277 -6.11 43.33 19.62
CA THR A 277 -6.19 42.31 20.67
C THR A 277 -4.86 42.28 21.44
N LEU A 278 -4.94 42.20 22.77
CA LEU A 278 -3.74 42.28 23.60
C LEU A 278 -3.31 40.91 24.09
N LEU A 279 -2.04 40.58 23.87
CA LEU A 279 -1.49 39.30 24.28
C LEU A 279 -0.52 39.49 25.42
N SER A 280 -0.52 38.55 26.36
CA SER A 280 0.41 38.62 27.48
C SER A 280 1.65 37.78 27.18
N LEU A 281 2.79 38.45 27.08
CA LEU A 281 4.06 37.78 26.89
C LEU A 281 4.56 37.18 28.19
N LYS A 282 5.31 36.08 28.07
CA LYS A 282 5.89 35.39 29.20
C LYS A 282 6.84 36.34 29.93
N ASP A 283 7.16 37.43 29.25
CA ASP A 283 7.91 38.56 29.81
C ASP A 283 7.20 39.19 30.99
N GLY A 284 5.87 39.22 30.93
CA GLY A 284 5.06 40.00 31.84
C GLY A 284 4.56 41.23 31.10
N THR A 285 5.23 41.54 30.00
CA THR A 285 4.84 42.61 29.08
C THR A 285 3.63 42.23 28.22
N THR A 286 3.00 43.23 27.61
CA THR A 286 1.93 42.95 26.65
C THR A 286 2.11 43.69 25.32
N MET A 287 1.65 43.05 24.24
CA MET A 287 1.66 43.62 22.90
C MET A 287 0.35 43.27 22.21
N THR A 288 -0.04 44.08 21.23
CA THR A 288 -1.15 43.73 20.37
C THR A 288 -0.74 42.74 19.28
N ALA A 289 -1.72 41.99 18.81
CA ALA A 289 -1.52 41.08 17.68
C ALA A 289 -0.86 41.80 16.51
N LEU A 290 -1.34 43.00 16.19
CA LEU A 290 -0.78 43.80 15.10
C LEU A 290 0.68 44.15 15.34
N GLN A 291 1.02 44.55 16.57
CA GLN A 291 2.39 44.88 16.91
C GLN A 291 3.32 43.68 16.74
N ILE A 292 2.83 42.50 17.10
CA ILE A 292 3.63 41.29 16.91
C ILE A 292 3.95 41.08 15.43
N GLN A 293 2.93 41.21 14.58
CA GLN A 293 3.12 41.09 13.14
C GLN A 293 4.04 42.20 12.58
N GLN A 294 3.90 43.42 13.08
CA GLN A 294 4.75 44.52 12.61
C GLN A 294 6.22 44.27 12.95
N VAL A 295 6.47 43.66 14.11
CA VAL A 295 7.83 43.32 14.52
C VAL A 295 8.48 42.29 13.60
N VAL A 296 7.76 41.19 13.35
CA VAL A 296 8.28 40.13 12.50
C VAL A 296 8.47 40.63 11.07
N PHE A 297 7.51 41.43 10.60
CA PHE A 297 7.56 41.98 9.25
C PHE A 297 8.78 42.88 9.03
N GLU A 298 9.01 43.82 9.93
CA GLU A 298 10.17 44.70 9.85
C GLU A 298 11.49 43.94 9.84
N HIS A 299 11.60 42.90 10.66
CA HIS A 299 12.80 42.08 10.64
C HIS A 299 12.92 41.27 9.35
N ALA A 300 11.78 40.77 8.87
CA ALA A 300 11.76 40.04 7.61
C ALA A 300 12.17 40.94 6.45
N SER A 301 11.80 42.22 6.55
CA SER A 301 12.16 43.20 5.53
C SER A 301 13.68 43.45 5.50
N LYS A 302 14.30 43.38 6.66
CA LYS A 302 15.74 43.54 6.72
C LYS A 302 16.45 42.26 6.31
N TRP A 303 15.86 41.12 6.64
CA TRP A 303 16.42 39.84 6.22
C TRP A 303 16.58 39.80 4.71
N LEU A 304 15.55 40.25 4.00
CA LEU A 304 15.56 40.17 2.53
C LEU A 304 16.77 40.89 1.93
N GLU A 305 17.17 41.98 2.58
CA GLU A 305 18.32 42.77 2.14
C GLU A 305 19.61 41.97 2.20
N GLN A 306 19.73 41.11 3.21
CA GLN A 306 20.86 40.19 3.34
C GLN A 306 20.62 38.74 2.85
N ARG A 307 19.41 38.43 2.41
CA ARG A 307 19.08 37.05 2.03
C ARG A 307 19.91 36.60 0.83
N PRO A 308 20.74 35.56 1.02
CA PRO A 308 21.49 35.05 -0.12
C PRO A 308 20.57 34.37 -1.11
N GLU A 309 20.76 34.67 -2.40
CA GLU A 309 19.96 34.08 -3.47
C GLU A 309 20.25 32.57 -3.49
N PRO A 310 19.20 31.74 -3.53
CA PRO A 310 19.52 30.30 -3.60
C PRO A 310 20.25 29.99 -4.89
N GLU A 311 21.32 29.20 -4.81
CA GLU A 311 22.09 28.88 -5.99
C GLU A 311 21.33 27.94 -6.93
N PHE A 312 20.50 27.08 -6.36
CA PHE A 312 19.76 26.13 -7.17
C PHE A 312 18.30 25.97 -6.71
N SER A 313 17.37 26.18 -7.63
CA SER A 313 15.96 26.13 -7.30
C SER A 313 15.69 27.02 -6.07
N GLY A 314 14.87 26.52 -5.14
CA GLY A 314 14.47 27.31 -4.00
C GLY A 314 13.53 28.46 -4.35
N THR A 315 13.21 29.31 -3.39
CA THR A 315 12.42 30.51 -3.63
C THR A 315 13.31 31.74 -3.77
N SER A 316 13.16 32.44 -4.89
CA SER A 316 14.06 33.53 -5.27
C SER A 316 13.86 34.77 -4.41
N ASN A 317 14.86 35.66 -4.41
CA ASN A 317 14.72 36.92 -3.71
C ASN A 317 13.62 37.77 -4.34
N THR A 318 13.54 37.74 -5.68
CA THR A 318 12.50 38.46 -6.38
C THR A 318 11.12 38.03 -5.90
N GLU A 319 10.93 36.72 -5.74
CA GLU A 319 9.63 36.23 -5.31
C GLU A 319 9.34 36.58 -3.84
N MET A 320 10.36 36.51 -2.98
CA MET A 320 10.19 36.97 -1.60
C MET A 320 9.82 38.46 -1.53
N ALA A 321 10.33 39.26 -2.46
CA ALA A 321 9.96 40.67 -2.51
C ALA A 321 8.46 40.85 -2.80
N ARG A 322 7.87 39.92 -3.56
CA ARG A 322 6.43 39.99 -3.82
C ARG A 322 5.68 39.60 -2.57
N VAL A 323 6.19 38.60 -1.88
CA VAL A 323 5.61 38.17 -0.61
C VAL A 323 5.62 39.34 0.38
N LEU A 324 6.79 39.95 0.59
CA LEU A 324 6.92 41.05 1.53
C LEU A 324 6.09 42.29 1.11
N ASP A 325 5.99 42.52 -0.20
CA ASP A 325 5.18 43.64 -0.67
C ASP A 325 3.74 43.49 -0.18
N LEU A 326 3.13 42.34 -0.45
CA LEU A 326 1.76 42.05 0.01
C LEU A 326 1.65 42.06 1.54
N TRP A 327 2.64 41.47 2.20
CA TRP A 327 2.68 41.46 3.66
C TRP A 327 2.61 42.88 4.22
N GLY A 328 3.47 43.76 3.72
CA GLY A 328 3.47 45.16 4.15
C GLY A 328 2.16 45.88 3.89
N ARG A 329 1.64 45.72 2.68
CA ARG A 329 0.36 46.32 2.31
C ARG A 329 -0.79 45.85 3.20
N MET A 330 -0.80 44.57 3.57
CA MET A 330 -1.84 44.05 4.46
C MET A 330 -1.76 44.68 5.87
N LEU A 331 -0.55 44.79 6.42
CA LEU A 331 -0.38 45.40 7.75
C LEU A 331 -0.78 46.88 7.76
N LYS A 332 -0.47 47.60 6.69
CA LYS A 332 -0.90 48.98 6.54
C LYS A 332 -2.43 49.11 6.42
N ALA A 333 -3.07 48.07 5.86
CA ALA A 333 -4.52 48.05 5.75
C ALA A 333 -5.19 47.77 7.10
N ILE A 334 -4.67 46.79 7.84
CA ILE A 334 -5.19 46.50 9.16
C ILE A 334 -5.03 47.72 10.08
N GLU A 335 -3.92 48.42 9.92
CA GLU A 335 -3.57 49.55 10.76
C GLU A 335 -4.41 50.80 10.40
N SER A 336 -4.52 51.08 9.10
CA SER A 336 -5.27 52.24 8.65
C SER A 336 -6.78 51.98 8.56
N GLY A 337 -7.17 50.71 8.51
CA GLY A 337 -8.56 50.34 8.28
C GLY A 337 -9.04 50.42 6.83
N ASP A 338 -8.14 50.80 5.92
CA ASP A 338 -8.51 50.90 4.50
C ASP A 338 -7.95 49.72 3.71
N PHE A 339 -8.85 48.87 3.22
CA PHE A 339 -8.48 47.62 2.58
C PHE A 339 -8.41 47.65 1.03
N SER A 340 -8.59 48.82 0.44
CA SER A 340 -8.75 48.90 -1.02
C SER A 340 -7.52 48.45 -1.80
N GLU A 341 -6.36 48.41 -1.15
CA GLU A 341 -5.15 47.88 -1.80
C GLU A 341 -5.02 46.36 -1.75
N VAL A 342 -5.58 45.73 -0.73
CA VAL A 342 -5.52 44.28 -0.53
C VAL A 342 -6.75 43.41 -0.88
N ASP A 343 -7.82 44.06 -1.30
CA ASP A 343 -9.13 43.42 -1.32
C ASP A 343 -9.42 42.54 -2.53
N THR A 344 -8.48 42.47 -3.47
CA THR A 344 -8.49 41.34 -4.38
C THR A 344 -7.48 40.24 -4.01
N GLU A 345 -6.61 40.45 -3.01
CA GLU A 345 -5.68 39.37 -2.64
C GLU A 345 -5.85 38.44 -1.42
N ILE A 346 -6.66 38.85 -0.43
CA ILE A 346 -6.64 38.15 0.86
C ILE A 346 -8.01 37.56 1.13
N ASP A 347 -8.08 36.24 1.33
CA ASP A 347 -9.37 35.56 1.37
C ASP A 347 -10.36 36.26 2.30
N TRP A 348 -10.04 36.45 3.58
CA TRP A 348 -11.07 36.98 4.49
C TRP A 348 -11.58 38.35 4.09
N VAL A 349 -10.70 39.13 3.48
CA VAL A 349 -11.05 40.47 3.02
C VAL A 349 -11.91 40.46 1.76
N ILE A 350 -11.54 39.62 0.80
CA ILE A 350 -12.31 39.43 -0.42
C ILE A 350 -13.73 39.01 -0.05
N LYS A 351 -13.82 38.03 0.84
CA LYS A 351 -15.10 37.47 1.24
C LYS A 351 -15.93 38.51 1.99
N LYS A 352 -15.27 39.28 2.83
CA LYS A 352 -15.97 40.24 3.66
C LYS A 352 -16.52 41.35 2.78
N LYS A 353 -15.74 41.73 1.77
CA LYS A 353 -16.15 42.79 0.86
C LYS A 353 -17.42 42.41 0.14
N LEU A 354 -17.55 41.13 -0.21
CA LEU A 354 -18.74 40.67 -0.91
C LEU A 354 -19.93 40.63 0.03
N ILE A 355 -19.72 40.06 1.21
CA ILE A 355 -20.74 40.03 2.26
C ILE A 355 -21.28 41.43 2.56
N ASP A 356 -20.39 42.41 2.66
CA ASP A 356 -20.80 43.80 2.93
C ASP A 356 -21.66 44.41 1.83
N ARG A 357 -21.36 44.07 0.58
CA ARG A 357 -22.21 44.53 -0.53
C ARG A 357 -23.62 43.98 -0.38
N PHE A 358 -23.73 42.70 -0.07
CA PHE A 358 -25.03 42.08 0.11
C PHE A 358 -25.79 42.68 1.29
N ILE A 359 -25.08 42.94 2.38
CA ILE A 359 -25.69 43.58 3.53
C ILE A 359 -26.20 44.98 3.19
N GLN A 360 -25.33 45.78 2.58
CA GLN A 360 -25.68 47.12 2.13
C GLN A 360 -26.94 47.12 1.25
N ARG A 361 -26.91 46.35 0.17
CA ARG A 361 -28.00 46.37 -0.79
C ARG A 361 -29.32 45.86 -0.21
N GLY A 362 -29.28 44.68 0.41
CA GLY A 362 -30.49 44.07 0.93
C GLY A 362 -30.84 44.50 2.35
N ASN A 363 -29.98 45.31 2.95
CA ASN A 363 -30.17 45.71 4.34
C ASN A 363 -30.23 44.52 5.29
N LEU A 364 -29.44 43.50 4.96
CA LEU A 364 -29.50 42.19 5.64
C LEU A 364 -28.82 42.18 7.01
N GLY A 365 -29.23 41.23 7.84
CA GLY A 365 -28.55 40.93 9.09
C GLY A 365 -27.51 39.84 8.86
N LEU A 366 -26.55 39.72 9.77
CA LEU A 366 -25.40 38.84 9.57
C LEU A 366 -25.78 37.35 9.51
N ASP A 367 -26.93 37.03 10.07
CA ASP A 367 -27.44 35.66 10.09
C ASP A 367 -28.33 35.33 8.88
N ASP A 368 -28.42 36.23 7.93
CA ASP A 368 -29.24 35.99 6.73
C ASP A 368 -28.70 34.80 5.93
N PRO A 369 -29.59 33.85 5.59
CA PRO A 369 -29.23 32.66 4.82
C PRO A 369 -28.45 33.00 3.53
N LYS A 370 -28.71 34.17 2.98
CA LYS A 370 -28.03 34.60 1.76
C LYS A 370 -26.52 34.75 2.03
N LEU A 371 -26.19 35.28 3.20
CA LEU A 371 -24.80 35.49 3.57
C LEU A 371 -24.11 34.15 3.87
N ALA A 372 -24.85 33.24 4.50
CA ALA A 372 -24.32 31.92 4.80
C ALA A 372 -23.95 31.21 3.49
N GLN A 373 -24.72 31.49 2.44
CA GLN A 373 -24.45 30.88 1.14
C GLN A 373 -23.16 31.44 0.54
N VAL A 374 -22.97 32.76 0.63
CA VAL A 374 -21.70 33.33 0.22
C VAL A 374 -20.51 32.68 0.96
N ASP A 375 -20.62 32.63 2.30
CA ASP A 375 -19.55 32.14 3.19
C ASP A 375 -19.19 30.69 2.82
N LEU A 376 -20.19 29.89 2.49
CA LEU A 376 -19.97 28.51 2.09
C LEU A 376 -19.47 28.29 0.63
N THR A 377 -20.17 28.88 -0.35
CA THR A 377 -19.93 28.55 -1.74
C THR A 377 -18.69 29.25 -2.29
N TYR A 378 -18.16 30.20 -1.52
CA TYR A 378 -16.83 30.73 -1.75
C TYR A 378 -15.84 29.55 -1.84
N HIS A 379 -16.12 28.48 -1.10
CA HIS A 379 -15.21 27.33 -1.03
C HIS A 379 -15.51 26.14 -1.94
N ASP A 380 -16.57 26.26 -2.74
CA ASP A 380 -16.92 25.23 -3.71
C ASP A 380 -15.89 25.27 -4.84
N ILE A 381 -15.18 24.16 -5.05
CA ILE A 381 -14.05 24.17 -5.97
C ILE A 381 -14.43 23.99 -7.44
N ARG A 382 -15.73 23.82 -7.72
CA ARG A 382 -16.16 23.56 -9.08
C ARG A 382 -16.06 24.81 -9.96
N PRO A 383 -15.23 24.76 -11.02
CA PRO A 383 -15.12 25.89 -11.95
C PRO A 383 -16.48 26.30 -12.50
N GLY A 384 -16.77 27.59 -12.38
CA GLY A 384 -17.93 28.23 -12.97
C GLY A 384 -19.17 28.13 -12.08
N ARG A 385 -19.24 27.10 -11.24
CA ARG A 385 -20.25 27.03 -10.18
C ARG A 385 -19.86 27.72 -8.87
N GLY A 386 -18.63 27.52 -8.43
CA GLY A 386 -18.19 28.02 -7.15
C GLY A 386 -18.02 29.51 -7.19
N LEU A 387 -18.25 30.17 -6.05
CA LEU A 387 -18.15 31.62 -6.00
C LEU A 387 -16.71 32.15 -6.20
N PHE A 388 -15.71 31.47 -5.64
CA PHE A 388 -14.32 31.86 -5.90
C PHE A 388 -13.98 31.89 -7.41
N SER A 389 -14.45 30.87 -8.13
CA SER A 389 -14.19 30.75 -9.57
C SER A 389 -14.79 31.93 -10.37
N VAL A 390 -16.01 32.31 -10.04
CA VAL A 390 -16.70 33.42 -10.70
C VAL A 390 -15.95 34.75 -10.46
N LEU A 391 -15.59 35.01 -9.20
CA LEU A 391 -14.86 36.21 -8.83
C LEU A 391 -13.53 36.32 -9.58
N GLN A 392 -12.76 35.24 -9.59
CA GLN A 392 -11.44 35.26 -10.18
C GLN A 392 -11.53 35.47 -11.71
N SER A 393 -12.55 34.90 -12.33
CA SER A 393 -12.77 34.99 -13.77
C SER A 393 -13.09 36.42 -14.21
N ARG A 394 -13.75 37.16 -13.34
CA ARG A 394 -14.10 38.56 -13.59
C ARG A 394 -13.01 39.55 -13.15
N GLY A 395 -11.87 39.07 -12.64
CA GLY A 395 -10.77 39.95 -12.27
C GLY A 395 -10.86 40.51 -10.86
N MET A 396 -11.72 39.92 -10.04
CA MET A 396 -11.94 40.43 -8.71
C MET A 396 -11.06 39.70 -7.70
N ILE A 397 -10.30 38.72 -8.17
CA ILE A 397 -9.27 38.06 -7.36
C ILE A 397 -8.00 37.98 -8.20
N LYS A 398 -6.89 38.44 -7.63
CA LYS A 398 -5.61 38.48 -8.34
C LYS A 398 -4.94 37.10 -8.35
N ARG A 399 -4.15 36.83 -9.39
CA ARG A 399 -3.42 35.56 -9.56
C ARG A 399 -1.97 35.67 -9.08
N TRP A 400 -1.49 34.65 -8.38
CA TRP A 400 -0.06 34.44 -8.15
C TRP A 400 0.66 33.68 -9.28
N THR A 401 -0.05 32.70 -9.85
CA THR A 401 0.48 31.76 -10.87
C THR A 401 -0.46 31.72 -12.08
N THR A 402 -0.26 30.76 -12.99
CA THR A 402 -1.13 30.63 -14.17
C THR A 402 -1.89 29.31 -14.26
N ASP A 403 -3.01 29.32 -14.98
CA ASP A 403 -3.73 28.08 -15.27
C ASP A 403 -2.87 27.04 -15.97
N GLU A 404 -1.99 27.47 -16.86
CA GLU A 404 -1.14 26.55 -17.62
C GLU A 404 -0.27 25.75 -16.64
N ALA A 405 0.36 26.44 -15.71
CA ALA A 405 1.23 25.77 -14.75
C ALA A 405 0.46 24.82 -13.81
N ILE A 406 -0.74 25.21 -13.42
CA ILE A 406 -1.55 24.35 -12.57
C ILE A 406 -1.92 23.09 -13.35
N LEU A 407 -2.38 23.27 -14.59
CA LEU A 407 -2.72 22.15 -15.45
C LEU A 407 -1.55 21.16 -15.65
N ALA A 408 -0.34 21.69 -15.88
CA ALA A 408 0.83 20.83 -16.05
C ALA A 408 1.14 20.00 -14.79
N ALA A 409 0.92 20.60 -13.61
CA ALA A 409 1.18 19.92 -12.34
C ALA A 409 0.16 18.82 -12.07
N VAL A 410 -0.95 18.83 -12.79
CA VAL A 410 -1.93 17.77 -12.63
C VAL A 410 -1.36 16.37 -13.01
N ASP A 411 -0.71 16.29 -14.18
CA ASP A 411 -0.07 15.05 -14.60
C ASP A 411 1.44 14.88 -14.41
N THR A 412 2.17 15.95 -14.08
CA THR A 412 3.63 15.84 -14.06
C THR A 412 4.21 16.31 -12.74
N ALA A 413 5.03 15.46 -12.13
CA ALA A 413 5.60 15.68 -10.82
C ALA A 413 6.59 16.85 -10.80
N PRO A 414 6.84 17.43 -9.61
CA PRO A 414 7.91 18.43 -9.46
C PRO A 414 9.21 17.84 -10.00
N ASP A 415 9.96 18.60 -10.78
CA ASP A 415 11.17 18.06 -11.42
C ASP A 415 12.46 18.31 -10.63
N THR A 416 12.37 19.09 -9.55
CA THR A 416 13.51 19.42 -8.71
C THR A 416 13.64 18.62 -7.39
N THR A 417 12.72 17.72 -7.08
CA THR A 417 12.77 17.02 -5.79
C THR A 417 12.63 15.51 -6.01
N ARG A 418 12.62 14.77 -4.91
CA ARG A 418 12.39 13.33 -4.89
C ARG A 418 11.10 12.92 -5.61
N ALA A 419 10.09 13.78 -5.55
CA ALA A 419 8.83 13.46 -6.22
C ALA A 419 9.05 13.19 -7.74
N HIS A 420 10.07 13.84 -8.31
CA HIS A 420 10.44 13.61 -9.72
C HIS A 420 10.68 12.12 -9.96
N LEU A 421 11.39 11.49 -9.02
CA LEU A 421 11.70 10.06 -9.12
C LEU A 421 10.46 9.17 -8.94
N ARG A 422 9.61 9.51 -7.97
CA ARG A 422 8.37 8.77 -7.75
C ARG A 422 7.50 8.84 -9.01
N GLY A 423 7.40 10.04 -9.59
CA GLY A 423 6.73 10.25 -10.86
C GLY A 423 7.27 9.42 -12.01
N ARG A 424 8.59 9.31 -12.16
CA ARG A 424 9.16 8.50 -13.23
C ARG A 424 8.70 7.03 -13.08
N ILE A 425 8.73 6.54 -11.85
CA ILE A 425 8.39 5.17 -11.57
C ILE A 425 6.92 4.88 -11.88
N LEU A 426 6.05 5.77 -11.46
CA LEU A 426 4.62 5.58 -11.66
C LEU A 426 4.22 5.68 -13.13
N LYS A 427 4.86 6.58 -13.86
CA LYS A 427 4.57 6.70 -15.29
C LYS A 427 5.01 5.47 -16.08
N ALA A 428 6.20 4.96 -15.79
CA ALA A 428 6.60 3.67 -16.38
C ALA A 428 5.60 2.57 -16.01
N ALA A 429 5.27 2.44 -14.73
CA ALA A 429 4.29 1.44 -14.32
C ALA A 429 3.01 1.52 -15.16
N ASP A 430 2.50 2.73 -15.38
CA ASP A 430 1.30 2.93 -16.18
C ASP A 430 1.47 2.46 -17.63
N THR A 431 2.59 2.83 -18.24
CA THR A 431 2.79 2.51 -19.64
C THR A 431 3.18 1.02 -19.85
N LEU A 432 4.03 0.49 -18.97
CA LEU A 432 4.46 -0.90 -19.07
C LEU A 432 3.38 -1.89 -18.62
N GLY A 433 2.45 -1.40 -17.80
CA GLY A 433 1.38 -2.23 -17.27
C GLY A 433 1.78 -3.05 -16.06
N VAL A 434 2.95 -2.76 -15.50
CA VAL A 434 3.48 -3.46 -14.35
C VAL A 434 2.94 -2.87 -13.04
N PRO A 435 2.65 -3.74 -12.05
CA PRO A 435 2.26 -3.27 -10.71
C PRO A 435 3.44 -2.79 -9.88
N VAL A 436 3.27 -1.69 -9.15
CA VAL A 436 4.34 -1.14 -8.34
C VAL A 436 3.71 -0.60 -7.06
N THR A 437 4.46 -0.57 -5.96
CA THR A 437 3.97 -0.04 -4.69
C THR A 437 4.92 1.04 -4.16
N VAL A 438 4.41 2.27 -4.03
CA VAL A 438 5.27 3.39 -3.58
C VAL A 438 4.74 4.08 -2.33
N ASP A 439 5.62 4.86 -1.70
CA ASP A 439 5.31 5.64 -0.52
C ASP A 439 6.29 6.81 -0.60
N TRP A 440 6.36 7.67 0.42
CA TRP A 440 7.27 8.82 0.31
C TRP A 440 8.75 8.43 0.13
N MET A 441 9.25 7.59 1.04
CA MET A 441 10.57 6.97 0.89
C MET A 441 10.71 5.68 0.08
N ARG A 442 9.87 4.71 0.35
CA ARG A 442 10.11 3.36 -0.15
C ARG A 442 9.39 3.12 -1.45
N HIS A 443 10.11 2.60 -2.43
CA HIS A 443 9.57 2.35 -3.75
C HIS A 443 9.89 0.92 -4.13
N LYS A 444 8.88 0.18 -4.53
CA LYS A 444 9.03 -1.26 -4.68
C LYS A 444 8.30 -1.78 -5.90
N VAL A 445 8.98 -2.65 -6.64
CA VAL A 445 8.36 -3.40 -7.73
C VAL A 445 8.08 -4.77 -7.16
N ASN A 446 6.83 -5.20 -7.24
CA ASN A 446 6.41 -6.38 -6.52
C ASN A 446 6.74 -7.68 -7.24
N ARG A 447 6.97 -7.60 -8.55
CA ARG A 447 7.14 -8.78 -9.40
C ARG A 447 8.13 -8.56 -10.57
N PRO A 448 8.68 -9.65 -11.12
CA PRO A 448 8.57 -11.02 -10.58
C PRO A 448 9.21 -11.13 -9.20
N GLU A 449 10.43 -10.63 -9.10
CA GLU A 449 11.15 -10.52 -7.83
C GLU A 449 10.93 -9.15 -7.24
N PRO A 450 10.79 -9.08 -5.91
CA PRO A 450 10.50 -7.83 -5.19
C PRO A 450 11.69 -6.86 -5.09
N GLN A 451 11.92 -6.07 -6.14
CA GLN A 451 12.99 -5.06 -6.14
C GLN A 451 12.58 -3.78 -5.42
N SER A 452 13.31 -3.42 -4.38
CA SER A 452 13.00 -2.25 -3.57
C SER A 452 14.07 -1.16 -3.68
N VAL A 453 13.63 0.10 -3.61
CA VAL A 453 14.54 1.23 -3.53
C VAL A 453 14.06 2.20 -2.46
N GLU A 454 15.01 2.72 -1.68
CA GLU A 454 14.72 3.62 -0.58
C GLU A 454 15.26 4.99 -0.89
N LEU A 455 14.39 5.99 -1.02
CA LEU A 455 14.86 7.32 -1.34
C LEU A 455 14.78 8.17 -0.08
N GLY A 456 15.93 8.40 0.52
CA GLY A 456 15.99 8.99 1.85
C GLY A 456 16.22 10.47 1.75
N ASP A 457 16.73 10.92 0.61
CA ASP A 457 17.02 12.33 0.41
C ASP A 457 15.88 12.98 -0.40
N PRO A 458 15.06 13.80 0.29
CA PRO A 458 13.88 14.42 -0.35
C PRO A 458 14.25 15.48 -1.38
N PHE A 459 15.46 16.03 -1.26
CA PHE A 459 15.97 17.05 -2.18
C PHE A 459 16.44 16.51 -3.54
N SER A 460 16.79 15.23 -3.61
CA SER A 460 17.37 14.70 -4.84
C SER A 460 16.39 14.17 -5.91
N ALA A 461 16.51 14.72 -7.12
CA ALA A 461 15.81 14.25 -8.31
C ALA A 461 16.62 13.26 -9.18
N VAL A 462 17.79 12.85 -8.70
CA VAL A 462 18.69 11.94 -9.42
C VAL A 462 19.05 10.71 -8.57
N ASN A 463 18.69 9.50 -9.03
CA ASN A 463 19.18 8.28 -8.39
C ASN A 463 19.42 7.17 -9.38
N SER A 464 20.64 6.60 -9.43
CA SER A 464 20.90 5.55 -10.42
C SER A 464 20.20 4.22 -10.09
N GLU A 465 19.85 4.02 -8.82
CA GLU A 465 19.04 2.87 -8.42
C GLU A 465 17.64 2.93 -9.04
N VAL A 466 17.07 4.13 -9.09
CA VAL A 466 15.77 4.29 -9.73
C VAL A 466 15.88 3.99 -11.23
N ASP A 467 16.97 4.41 -11.86
CA ASP A 467 17.22 4.07 -13.28
C ASP A 467 17.34 2.55 -13.49
N GLN A 468 17.99 1.84 -12.58
CA GLN A 468 18.05 0.39 -12.68
C GLN A 468 16.66 -0.22 -12.50
N LEU A 469 15.87 0.37 -11.60
CA LEU A 469 14.55 -0.16 -11.31
C LEU A 469 13.65 -0.07 -12.55
N ILE A 470 13.71 1.08 -13.22
CA ILE A 470 12.88 1.30 -14.38
C ILE A 470 13.30 0.42 -15.57
N GLU A 471 14.59 0.16 -15.72
CA GLU A 471 15.04 -0.73 -16.78
C GLU A 471 14.61 -2.17 -16.47
N TYR A 472 14.74 -2.54 -15.20
CA TYR A 472 14.28 -3.84 -14.72
C TYR A 472 12.81 -4.05 -15.11
N MET A 473 11.98 -3.04 -14.87
CA MET A 473 10.57 -3.08 -15.26
C MET A 473 10.42 -3.23 -16.76
N THR A 474 11.23 -2.49 -17.50
CA THR A 474 11.16 -2.50 -18.97
C THR A 474 11.54 -3.88 -19.50
N VAL A 475 12.53 -4.50 -18.86
CA VAL A 475 13.00 -5.83 -19.28
C VAL A 475 11.91 -6.90 -19.22
N HIS A 476 11.09 -6.88 -18.16
CA HIS A 476 10.09 -7.92 -17.98
C HIS A 476 8.69 -7.57 -18.47
N ALA A 477 8.50 -6.35 -18.96
CA ALA A 477 7.19 -5.89 -19.41
C ALA A 477 6.35 -7.04 -19.99
N SER B 2 23.40 36.86 11.77
CA SER B 2 24.55 36.08 12.23
C SER B 2 25.08 35.19 11.11
N THR B 3 24.64 33.93 11.06
CA THR B 3 25.09 33.04 10.00
C THR B 3 24.02 32.91 8.92
N VAL B 4 24.24 33.64 7.82
CA VAL B 4 23.20 33.81 6.81
C VAL B 4 23.12 32.59 5.91
N GLU B 5 24.22 31.85 5.83
CA GLU B 5 24.30 30.69 4.96
C GLU B 5 23.59 29.48 5.54
N SER B 6 23.13 29.61 6.78
CA SER B 6 22.42 28.51 7.43
C SER B 6 20.93 28.47 7.06
N ALA B 7 20.40 29.57 6.57
CA ALA B 7 19.00 29.63 6.13
C ALA B 7 18.78 28.66 4.97
N LEU B 8 17.76 27.83 5.05
CA LEU B 8 17.51 26.97 3.91
C LEU B 8 16.56 27.76 3.01
N THR B 9 17.12 28.41 1.99
CA THR B 9 16.34 29.23 1.08
C THR B 9 15.79 28.32 -0.01
N ARG B 10 16.33 27.11 -0.05
CA ARG B 10 15.67 26.00 -0.72
C ARG B 10 15.31 24.99 0.39
N ARG B 11 14.02 24.76 0.62
CA ARG B 11 13.61 23.68 1.53
C ARG B 11 12.46 22.86 0.98
N ILE B 12 12.23 21.67 1.52
CA ILE B 12 11.11 20.85 1.10
C ILE B 12 9.86 21.25 1.85
N MET B 13 8.72 21.26 1.16
CA MET B 13 7.46 21.65 1.78
C MET B 13 6.33 20.93 1.08
N GLY B 14 5.22 20.75 1.80
CA GLY B 14 4.06 20.07 1.27
C GLY B 14 2.81 20.50 2.04
N ILE B 15 1.65 20.40 1.39
CA ILE B 15 0.38 20.75 2.02
C ILE B 15 -0.56 19.55 1.97
N GLU B 16 -1.31 19.35 3.05
CA GLU B 16 -2.32 18.30 3.09
C GLU B 16 -3.66 18.96 3.33
N THR B 17 -4.60 18.74 2.43
CA THR B 17 -5.88 19.41 2.48
C THR B 17 -7.00 18.38 2.50
N GLU B 18 -7.86 18.46 3.51
CA GLU B 18 -9.12 17.72 3.53
C GLU B 18 -10.26 18.53 2.89
N TYR B 19 -11.12 17.87 2.13
CA TYR B 19 -12.28 18.51 1.54
C TYR B 19 -13.56 18.00 2.21
N GLY B 20 -14.53 18.88 2.38
CA GLY B 20 -15.87 18.45 2.76
C GLY B 20 -16.64 17.95 1.56
N LEU B 21 -17.39 16.87 1.73
CA LEU B 21 -18.08 16.25 0.61
C LEU B 21 -19.57 16.16 0.91
N THR B 22 -20.40 16.62 -0.01
CA THR B 22 -21.84 16.50 0.18
C THR B 22 -22.59 16.39 -1.15
N PHE B 23 -23.73 15.71 -1.11
CA PHE B 23 -24.52 15.46 -2.29
C PHE B 23 -25.92 16.07 -2.15
N VAL B 24 -26.33 16.86 -3.14
CA VAL B 24 -27.68 17.45 -3.17
C VAL B 24 -28.53 16.81 -4.26
N ASP B 25 -29.70 16.29 -3.86
CA ASP B 25 -30.59 15.59 -4.78
C ASP B 25 -31.33 16.54 -5.71
N LEU B 31 -28.78 9.17 -2.35
CA LEU B 31 -28.32 7.90 -1.81
C LEU B 31 -27.60 8.12 -0.50
N ARG B 32 -27.21 7.02 0.14
CA ARG B 32 -26.34 7.10 1.30
C ARG B 32 -25.05 7.80 0.88
N PRO B 33 -24.59 8.78 1.69
CA PRO B 33 -23.33 9.45 1.37
C PRO B 33 -22.19 8.45 1.25
N ASP B 34 -22.30 7.33 1.96
CA ASP B 34 -21.34 6.25 1.80
C ASP B 34 -21.31 5.80 0.35
N GLU B 35 -22.49 5.62 -0.22
CA GLU B 35 -22.62 5.19 -1.60
C GLU B 35 -22.12 6.25 -2.58
N ILE B 36 -22.19 7.51 -2.19
CA ILE B 36 -21.72 8.59 -3.07
C ILE B 36 -20.19 8.63 -3.08
N ALA B 37 -19.59 8.49 -1.91
CA ALA B 37 -18.13 8.48 -1.81
C ALA B 37 -17.58 7.25 -2.52
N ARG B 38 -18.20 6.10 -2.26
CA ARG B 38 -17.74 4.86 -2.86
C ARG B 38 -17.66 4.99 -4.38
N ARG B 39 -18.72 5.50 -4.99
CA ARG B 39 -18.74 5.66 -6.43
C ARG B 39 -17.72 6.70 -6.92
N MET B 40 -17.55 7.76 -6.15
CA MET B 40 -16.60 8.81 -6.49
C MET B 40 -15.15 8.32 -6.48
N PHE B 41 -14.81 7.49 -5.50
CA PHE B 41 -13.42 7.03 -5.30
C PHE B 41 -13.03 5.91 -6.26
N ARG B 42 -14.04 5.17 -6.73
CA ARG B 42 -13.83 3.90 -7.41
C ARG B 42 -12.78 3.91 -8.54
N PRO B 43 -12.90 4.86 -9.48
CA PRO B 43 -11.96 4.86 -10.62
C PRO B 43 -10.50 5.04 -10.17
N ILE B 44 -10.26 5.89 -9.19
CA ILE B 44 -8.88 6.13 -8.73
C ILE B 44 -8.38 4.95 -7.90
N VAL B 45 -9.22 4.44 -7.00
CA VAL B 45 -8.91 3.23 -6.28
C VAL B 45 -8.52 2.10 -7.26
N GLU B 46 -9.39 1.84 -8.23
CA GLU B 46 -9.16 0.73 -9.16
C GLU B 46 -7.87 0.90 -9.97
N LYS B 47 -7.58 2.13 -10.37
CA LYS B 47 -6.41 2.40 -11.20
C LYS B 47 -5.09 2.47 -10.44
N TYR B 48 -5.09 3.20 -9.32
CA TYR B 48 -3.84 3.51 -8.61
C TYR B 48 -3.56 2.85 -7.26
N SER B 49 -4.53 2.15 -6.69
CA SER B 49 -4.28 1.56 -5.37
C SER B 49 -3.29 0.42 -5.51
N SER B 50 -2.56 0.15 -4.44
CA SER B 50 -1.60 -0.95 -4.41
C SER B 50 -2.29 -2.28 -4.69
N SER B 51 -1.73 -3.05 -5.62
CA SER B 51 -2.25 -4.36 -5.99
C SER B 51 -1.95 -5.48 -4.97
N ASN B 52 -1.11 -5.22 -3.97
CA ASN B 52 -0.93 -6.19 -2.88
C ASN B 52 -1.93 -5.96 -1.76
N ILE B 53 -2.88 -6.87 -1.61
CA ILE B 53 -3.98 -6.68 -0.69
C ILE B 53 -4.02 -7.67 0.49
N PHE B 54 -3.84 -7.15 1.69
CA PHE B 54 -3.77 -7.97 2.90
C PHE B 54 -5.14 -8.16 3.55
N ILE B 55 -5.46 -9.39 3.91
CA ILE B 55 -6.79 -9.72 4.42
C ILE B 55 -6.70 -10.31 5.83
N PRO B 56 -7.84 -10.33 6.56
CA PRO B 56 -7.90 -10.64 8.01
C PRO B 56 -7.32 -11.98 8.43
N ASN B 57 -7.28 -12.97 7.55
CA ASN B 57 -6.73 -14.28 7.92
C ASN B 57 -5.21 -14.30 7.82
N GLY B 58 -4.62 -13.14 7.53
CA GLY B 58 -3.17 -13.00 7.52
C GLY B 58 -2.53 -13.18 6.16
N SER B 59 -3.34 -13.50 5.16
CA SER B 59 -2.82 -13.78 3.82
C SER B 59 -2.80 -12.52 2.96
N ARG B 60 -2.29 -12.65 1.75
CA ARG B 60 -2.15 -11.53 0.82
C ARG B 60 -2.63 -11.99 -0.58
N LEU B 61 -3.55 -11.22 -1.16
CA LEU B 61 -3.98 -11.44 -2.52
C LEU B 61 -3.31 -10.42 -3.43
N TYR B 62 -2.78 -10.89 -4.56
CA TYR B 62 -2.28 -9.98 -5.59
C TYR B 62 -3.31 -9.93 -6.71
N LEU B 63 -3.99 -8.79 -6.82
CA LEU B 63 -5.08 -8.58 -7.78
C LEU B 63 -4.78 -7.39 -8.68
N ASP B 64 -4.51 -7.70 -9.94
CA ASP B 64 -4.21 -6.68 -10.94
C ASP B 64 -4.83 -7.09 -12.28
N VAL B 65 -5.68 -6.26 -12.85
CA VAL B 65 -6.47 -6.64 -14.03
C VAL B 65 -5.64 -7.25 -15.17
N GLY B 66 -4.39 -6.79 -15.32
CA GLY B 66 -3.51 -7.44 -16.27
C GLY B 66 -3.10 -8.89 -15.95
N SER B 67 -3.06 -9.27 -14.68
CA SER B 67 -2.35 -10.49 -14.30
C SER B 67 -3.20 -11.65 -13.74
N HIS B 68 -2.54 -12.78 -13.50
CA HIS B 68 -3.18 -13.92 -12.85
C HIS B 68 -3.39 -13.54 -11.39
N PRO B 69 -4.59 -13.80 -10.86
CA PRO B 69 -4.77 -13.60 -9.41
C PRO B 69 -3.91 -14.60 -8.63
N GLU B 70 -3.20 -14.10 -7.63
CA GLU B 70 -2.35 -14.93 -6.79
C GLU B 70 -2.70 -14.76 -5.32
N TYR B 71 -2.72 -15.88 -4.61
CA TYR B 71 -2.99 -15.90 -3.19
C TYR B 71 -1.76 -16.44 -2.48
N ALA B 72 -1.25 -15.65 -1.54
CA ALA B 72 -0.08 -16.02 -0.75
C ALA B 72 -0.52 -16.28 0.67
N THR B 73 -0.27 -17.48 1.20
CA THR B 73 -0.71 -17.77 2.56
C THR B 73 -0.03 -16.88 3.59
N ALA B 74 -0.70 -16.76 4.73
CA ALA B 74 -0.10 -16.19 5.92
C ALA B 74 1.11 -17.06 6.29
N GLU B 75 2.03 -16.50 7.08
CA GLU B 75 3.18 -17.25 7.59
C GLU B 75 2.69 -18.38 8.49
N CYS B 76 3.13 -19.60 8.21
CA CYS B 76 2.74 -20.77 8.98
C CYS B 76 3.98 -21.43 9.57
N ASP B 77 3.85 -21.94 10.79
CA ASP B 77 4.93 -22.72 11.42
C ASP B 77 4.73 -24.24 11.59
N ASN B 78 3.64 -24.79 11.05
CA ASN B 78 3.33 -26.22 11.16
C ASN B 78 2.78 -26.79 9.82
N LEU B 79 3.16 -28.02 9.46
CA LEU B 79 2.71 -28.60 8.17
C LEU B 79 1.19 -28.57 7.95
N THR B 80 0.43 -29.11 8.89
CA THR B 80 -1.02 -29.16 8.73
C THR B 80 -1.63 -27.76 8.65
N GLN B 81 -1.09 -26.84 9.46
CA GLN B 81 -1.56 -25.46 9.43
C GLN B 81 -1.35 -24.85 8.04
N LEU B 82 -0.21 -25.16 7.42
CA LEU B 82 0.06 -24.63 6.09
C LEU B 82 -0.95 -25.18 5.08
N ILE B 83 -1.24 -26.48 5.15
CA ILE B 83 -2.29 -27.06 4.33
C ILE B 83 -3.62 -26.35 4.54
N ASN B 84 -4.00 -26.10 5.80
CA ASN B 84 -5.27 -25.41 6.06
C ASN B 84 -5.38 -24.07 5.35
N PHE B 85 -4.29 -23.29 5.40
CA PHE B 85 -4.29 -21.95 4.82
C PHE B 85 -4.14 -21.94 3.30
N GLU B 86 -3.49 -22.94 2.71
CA GLU B 86 -3.52 -23.07 1.25
C GLU B 86 -4.91 -23.44 0.75
N LYS B 87 -5.57 -24.35 1.44
CA LYS B 87 -6.94 -24.73 1.08
C LYS B 87 -7.94 -23.60 1.34
N ALA B 88 -7.69 -22.78 2.35
CA ALA B 88 -8.54 -21.61 2.60
C ALA B 88 -8.50 -20.66 1.42
N GLY B 89 -7.33 -20.56 0.79
CA GLY B 89 -7.18 -19.73 -0.37
C GLY B 89 -8.10 -20.16 -1.51
N ASP B 90 -8.25 -21.47 -1.72
CA ASP B 90 -9.13 -21.93 -2.80
C ASP B 90 -10.56 -21.53 -2.48
N VAL B 91 -10.93 -21.61 -1.21
CA VAL B 91 -12.28 -21.25 -0.80
C VAL B 91 -12.51 -19.77 -1.07
N ILE B 92 -11.52 -18.95 -0.72
CA ILE B 92 -11.63 -17.50 -0.86
C ILE B 92 -11.69 -17.11 -2.34
N ALA B 93 -10.86 -17.76 -3.15
CA ALA B 93 -10.82 -17.49 -4.59
C ALA B 93 -12.14 -17.90 -5.23
N ASP B 94 -12.66 -19.05 -4.83
CA ASP B 94 -13.93 -19.54 -5.34
C ASP B 94 -15.10 -18.60 -5.00
N ARG B 95 -15.10 -18.07 -3.79
CA ARG B 95 -16.13 -17.09 -3.41
C ARG B 95 -16.10 -15.84 -4.28
N MET B 96 -14.90 -15.37 -4.61
CA MET B 96 -14.78 -14.22 -5.50
C MET B 96 -15.42 -14.53 -6.84
N ALA B 97 -15.16 -15.72 -7.37
CA ALA B 97 -15.74 -16.16 -8.64
C ALA B 97 -17.25 -16.25 -8.56
N VAL B 98 -17.76 -16.83 -7.48
CA VAL B 98 -19.20 -17.00 -7.35
C VAL B 98 -19.92 -15.67 -7.26
N ASP B 99 -19.36 -14.74 -6.50
CA ASP B 99 -19.91 -13.39 -6.41
C ASP B 99 -19.81 -12.61 -7.72
N ALA B 100 -18.77 -12.87 -8.50
CA ALA B 100 -18.66 -12.23 -9.80
C ALA B 100 -19.74 -12.74 -10.75
N GLU B 101 -20.04 -14.03 -10.67
CA GLU B 101 -21.12 -14.61 -11.48
C GLU B 101 -22.45 -13.90 -11.21
N GLU B 102 -22.74 -13.61 -9.94
CA GLU B 102 -23.99 -12.96 -9.59
C GLU B 102 -23.93 -11.44 -9.78
N SER B 103 -22.73 -10.89 -9.88
CA SER B 103 -22.56 -9.48 -10.21
C SER B 103 -22.74 -9.27 -11.70
N LEU B 104 -22.20 -10.21 -12.49
CA LEU B 104 -22.33 -10.16 -13.94
C LEU B 104 -23.76 -10.42 -14.39
N ALA B 105 -24.48 -11.25 -13.63
CA ALA B 105 -25.88 -11.55 -13.94
C ALA B 105 -26.76 -10.30 -13.90
N LYS B 106 -26.47 -9.39 -12.96
CA LYS B 106 -27.19 -8.13 -12.89
C LYS B 106 -27.08 -7.42 -14.23
N GLU B 107 -25.85 -7.33 -14.73
CA GLU B 107 -25.60 -6.93 -16.11
C GLU B 107 -26.12 -8.06 -17.01
N ASP B 108 -26.29 -7.77 -18.29
CA ASP B 108 -26.86 -8.76 -19.21
C ASP B 108 -25.92 -9.94 -19.52
N ILE B 109 -24.70 -9.89 -18.99
CA ILE B 109 -23.72 -10.93 -19.27
C ILE B 109 -23.95 -12.21 -18.46
N ALA B 110 -24.21 -13.31 -19.15
CA ALA B 110 -24.36 -14.61 -18.51
C ALA B 110 -23.23 -15.54 -18.91
N GLY B 111 -22.89 -16.47 -18.03
CA GLY B 111 -21.79 -17.38 -18.29
C GLY B 111 -21.23 -17.92 -16.99
N GLN B 112 -20.25 -18.81 -17.11
CA GLN B 112 -19.64 -19.40 -15.93
C GLN B 112 -18.20 -18.92 -15.76
N VAL B 113 -17.85 -18.60 -14.51
CA VAL B 113 -16.48 -18.28 -14.15
C VAL B 113 -15.73 -19.52 -13.72
N TYR B 114 -14.61 -19.78 -14.37
CA TYR B 114 -13.74 -20.88 -13.98
C TYR B 114 -12.41 -20.35 -13.43
N LEU B 115 -12.00 -20.89 -12.29
CA LEU B 115 -10.68 -20.66 -11.72
C LEU B 115 -10.02 -22.01 -11.59
N PHE B 116 -8.86 -22.15 -12.22
CA PHE B 116 -8.16 -23.44 -12.23
C PHE B 116 -6.88 -23.37 -11.41
N LYS B 117 -6.69 -24.33 -10.52
CA LYS B 117 -5.43 -24.30 -9.82
C LYS B 117 -4.57 -25.37 -10.46
N ASN B 118 -3.86 -24.97 -11.50
CA ASN B 118 -2.92 -25.80 -12.23
C ASN B 118 -1.80 -24.90 -12.69
N ASN B 119 -0.85 -25.44 -13.46
CA ASN B 119 0.32 -24.66 -13.89
C ASN B 119 0.45 -24.26 -15.36
N VAL B 120 -0.47 -24.72 -16.20
CA VAL B 120 -0.43 -24.48 -17.64
C VAL B 120 -1.86 -24.33 -18.14
N ASP B 121 -2.04 -23.50 -19.18
CA ASP B 121 -3.33 -23.50 -19.88
C ASP B 121 -3.17 -23.98 -21.34
N SER B 122 -4.28 -24.13 -22.05
CA SER B 122 -4.25 -24.67 -23.41
C SER B 122 -3.44 -23.79 -24.34
N VAL B 123 -3.25 -22.53 -23.95
CA VAL B 123 -2.57 -21.56 -24.81
C VAL B 123 -1.07 -21.45 -24.55
N GLY B 124 -0.55 -22.17 -23.56
CA GLY B 124 0.87 -22.15 -23.29
C GLY B 124 1.38 -21.19 -22.21
N ASN B 125 0.45 -20.52 -21.53
CA ASN B 125 0.84 -19.72 -20.36
C ASN B 125 1.29 -20.59 -19.19
N SER B 126 2.17 -20.06 -18.35
CA SER B 126 2.58 -20.76 -17.14
C SER B 126 2.05 -20.02 -15.90
N TYR B 127 1.71 -20.78 -14.85
CA TYR B 127 1.21 -20.25 -13.57
C TYR B 127 2.01 -20.95 -12.48
N GLY B 128 2.54 -20.20 -11.52
CA GLY B 128 3.38 -20.82 -10.51
C GLY B 128 2.73 -21.16 -9.19
N CYS B 129 3.24 -22.20 -8.54
CA CYS B 129 2.94 -22.45 -7.14
C CYS B 129 4.30 -22.45 -6.46
N HIS B 130 4.61 -21.38 -5.75
CA HIS B 130 5.94 -21.21 -5.18
C HIS B 130 5.96 -21.41 -3.66
N GLU B 131 7.05 -22.00 -3.17
CA GLU B 131 7.20 -22.30 -1.75
C GLU B 131 8.25 -21.36 -1.15
N ASN B 132 7.97 -20.88 0.05
CA ASN B 132 8.92 -20.07 0.83
C ASN B 132 9.26 -20.78 2.13
N TYR B 133 10.55 -20.86 2.43
CA TYR B 133 11.01 -21.52 3.64
C TYR B 133 12.01 -20.61 4.36
N LEU B 134 11.77 -20.36 5.64
CA LEU B 134 12.76 -19.69 6.46
C LEU B 134 13.81 -20.73 6.80
N VAL B 135 15.08 -20.40 6.60
CA VAL B 135 16.16 -21.32 6.98
C VAL B 135 17.17 -20.57 7.83
N GLY B 136 18.08 -21.32 8.47
CA GLY B 136 19.11 -20.74 9.31
C GLY B 136 20.14 -19.95 8.51
N ARG B 137 20.38 -18.70 8.91
CA ARG B 137 21.31 -17.84 8.18
C ARG B 137 22.75 -18.35 8.23
N SER B 138 22.99 -19.38 9.02
CA SER B 138 24.31 -19.99 9.12
C SER B 138 24.80 -20.50 7.77
N MET B 139 23.96 -21.26 7.09
CA MET B 139 24.33 -21.93 5.86
C MET B 139 24.42 -21.01 4.64
N PRO B 140 25.58 -21.04 3.96
CA PRO B 140 25.80 -20.25 2.74
C PRO B 140 24.75 -20.56 1.68
N LEU B 141 24.21 -19.51 1.07
CA LEU B 141 23.09 -19.59 0.15
C LEU B 141 23.24 -20.66 -0.94
N LYS B 142 24.40 -20.69 -1.58
CA LYS B 142 24.63 -21.58 -2.71
C LYS B 142 24.87 -23.04 -2.29
N ALA B 143 25.52 -23.23 -1.15
CA ALA B 143 25.83 -24.57 -0.67
C ALA B 143 24.54 -25.32 -0.35
N LEU B 144 23.53 -24.57 0.04
CA LEU B 144 22.23 -25.13 0.36
C LEU B 144 21.54 -25.63 -0.90
N GLY B 145 21.50 -24.78 -1.91
CA GLY B 145 20.98 -25.18 -3.20
C GLY B 145 21.63 -26.47 -3.68
N LYS B 146 22.96 -26.49 -3.73
CA LYS B 146 23.67 -27.64 -4.28
C LYS B 146 23.16 -28.94 -3.68
N ARG B 147 22.99 -28.94 -2.35
CA ARG B 147 22.60 -30.14 -1.59
C ARG B 147 21.10 -30.39 -1.59
N LEU B 148 20.34 -29.34 -1.89
CA LEU B 148 18.90 -29.42 -2.03
C LEU B 148 18.47 -29.86 -3.43
N MET B 149 19.24 -29.44 -4.43
CA MET B 149 18.85 -29.60 -5.84
C MET B 149 18.55 -31.03 -6.35
N PRO B 150 19.43 -32.02 -6.06
CA PRO B 150 19.17 -33.39 -6.53
C PRO B 150 17.80 -33.87 -6.09
N PHE B 151 17.49 -33.65 -4.81
CA PHE B 151 16.18 -33.93 -4.26
C PHE B 151 15.06 -33.17 -4.97
N LEU B 152 15.23 -31.86 -5.16
CA LEU B 152 14.19 -31.03 -5.79
C LEU B 152 13.90 -31.42 -7.24
N ILE B 153 14.95 -31.67 -8.02
CA ILE B 153 14.77 -32.05 -9.43
C ILE B 153 13.93 -33.34 -9.55
N THR B 154 14.12 -34.26 -8.62
CA THR B 154 13.46 -35.57 -8.68
C THR B 154 12.15 -35.65 -7.89
N ARG B 155 11.83 -34.57 -7.15
CA ARG B 155 10.68 -34.57 -6.24
C ARG B 155 9.36 -34.71 -7.01
N GLN B 156 9.35 -34.19 -8.23
CA GLN B 156 8.20 -34.32 -9.10
C GLN B 156 7.68 -35.79 -9.16
N LEU B 157 8.57 -36.77 -9.08
CA LEU B 157 8.13 -38.17 -9.07
C LEU B 157 7.08 -38.46 -7.99
N ILE B 158 7.33 -38.00 -6.77
CA ILE B 158 6.42 -38.31 -5.66
C ILE B 158 5.20 -37.40 -5.55
N CYS B 159 5.38 -36.15 -5.95
CA CYS B 159 4.30 -35.16 -5.83
C CYS B 159 3.67 -34.49 -7.05
N GLY B 160 4.05 -34.88 -8.26
CA GLY B 160 3.53 -34.22 -9.45
C GLY B 160 2.01 -34.26 -9.56
N ALA B 161 1.43 -33.30 -10.27
CA ALA B 161 -0.02 -33.28 -10.52
C ALA B 161 -0.51 -33.87 -11.84
N GLY B 162 0.43 -34.10 -12.77
CA GLY B 162 0.14 -34.71 -14.06
C GLY B 162 -0.35 -33.75 -15.12
N ARG B 163 -0.01 -34.03 -16.38
CA ARG B 163 -0.66 -33.36 -17.49
C ARG B 163 -0.48 -34.16 -18.78
N ILE B 164 -1.34 -33.92 -19.75
CA ILE B 164 -1.18 -34.53 -21.07
C ILE B 164 -0.42 -33.57 -21.97
N HIS B 165 0.76 -33.98 -22.40
CA HIS B 165 1.59 -33.16 -23.26
C HIS B 165 1.20 -33.36 -24.72
N HIS B 166 0.92 -32.27 -25.41
CA HIS B 166 0.60 -32.30 -26.84
C HIS B 166 1.68 -31.61 -27.65
N PRO B 167 2.45 -32.39 -28.40
CA PRO B 167 3.48 -31.85 -29.29
C PRO B 167 2.87 -30.81 -30.24
N ASN B 168 3.65 -29.78 -30.59
CA ASN B 168 3.23 -28.83 -31.61
C ASN B 168 3.72 -29.29 -32.97
N PRO B 169 2.80 -29.75 -33.83
CA PRO B 169 3.16 -30.35 -35.11
C PRO B 169 3.91 -29.36 -36.00
N LEU B 170 3.71 -28.07 -35.74
CA LEU B 170 4.39 -27.03 -36.50
C LEU B 170 5.83 -26.84 -36.05
N ASP B 171 6.20 -27.48 -34.95
CA ASP B 171 7.59 -27.45 -34.50
C ASP B 171 8.30 -28.72 -34.96
N LYS B 172 9.28 -28.57 -35.85
CA LYS B 172 10.06 -29.70 -36.32
C LYS B 172 11.13 -30.04 -35.29
N GLY B 173 11.34 -29.12 -34.35
CA GLY B 173 12.31 -29.29 -33.28
C GLY B 173 11.70 -29.73 -31.96
N GLU B 174 10.50 -30.31 -32.04
CA GLU B 174 9.83 -30.80 -30.84
C GLU B 174 10.47 -32.13 -30.45
N SER B 175 11.03 -32.18 -29.24
CA SER B 175 11.74 -33.37 -28.79
C SER B 175 10.85 -34.42 -28.13
N PHE B 176 9.64 -34.02 -27.73
CA PHE B 176 8.76 -34.88 -26.95
C PHE B 176 7.45 -35.18 -27.66
N PRO B 177 6.97 -36.42 -27.54
CA PRO B 177 5.75 -36.87 -28.21
C PRO B 177 4.49 -36.64 -27.37
N LEU B 178 3.34 -36.95 -27.97
CA LEU B 178 2.09 -37.05 -27.23
C LEU B 178 2.28 -38.07 -26.12
N GLY B 179 1.99 -37.67 -24.88
CA GLY B 179 2.17 -38.56 -23.74
C GLY B 179 1.74 -37.95 -22.43
N TYR B 180 1.55 -38.79 -21.42
CA TYR B 180 1.18 -38.36 -20.07
C TYR B 180 2.42 -38.03 -19.26
N CYS B 181 2.47 -36.81 -18.73
CA CYS B 181 3.58 -36.39 -17.87
C CYS B 181 3.11 -36.37 -16.42
N ILE B 182 3.99 -36.75 -15.49
CA ILE B 182 3.65 -36.70 -14.08
C ILE B 182 3.67 -35.25 -13.52
N SER B 183 4.44 -34.40 -14.18
CA SER B 183 4.66 -33.03 -13.71
C SER B 183 4.14 -31.99 -14.69
N GLN B 184 3.55 -30.93 -14.17
CA GLN B 184 3.09 -29.82 -15.00
C GLN B 184 4.19 -28.82 -15.36
N ARG B 185 5.01 -28.51 -14.38
CA ARG B 185 5.92 -27.37 -14.43
C ARG B 185 7.25 -27.59 -15.13
N SER B 186 7.67 -28.86 -15.26
CA SER B 186 9.04 -29.16 -15.71
C SER B 186 9.50 -28.48 -17.00
N ASP B 187 8.68 -28.52 -18.05
CA ASP B 187 9.09 -27.90 -19.32
C ASP B 187 9.32 -26.39 -19.18
N HIS B 188 8.39 -25.72 -18.52
CA HIS B 188 8.52 -24.27 -18.32
C HIS B 188 9.70 -23.90 -17.44
N VAL B 189 10.00 -24.72 -16.44
CA VAL B 189 11.15 -24.45 -15.59
C VAL B 189 12.41 -24.58 -16.41
N TRP B 190 12.46 -25.63 -17.23
CA TRP B 190 13.61 -25.83 -18.11
C TRP B 190 13.81 -24.60 -19.01
N GLU B 191 12.72 -24.07 -19.55
CA GLU B 191 12.80 -22.95 -20.48
C GLU B 191 13.28 -21.67 -19.80
N GLY B 192 12.88 -21.47 -18.55
CA GLY B 192 13.27 -20.26 -17.82
C GLY B 192 14.74 -20.25 -17.41
N VAL B 193 15.26 -21.41 -17.04
CA VAL B 193 16.67 -21.48 -16.66
C VAL B 193 17.59 -21.33 -17.87
N SER B 194 17.26 -21.98 -18.99
CA SER B 194 18.15 -21.82 -20.12
C SER B 194 17.58 -20.83 -21.12
N SER B 195 18.06 -19.61 -20.98
CA SER B 195 17.96 -18.56 -21.99
C SER B 195 19.07 -17.59 -21.62
N ALA B 196 19.69 -16.96 -22.61
CA ALA B 196 20.67 -15.93 -22.32
C ALA B 196 19.91 -14.69 -21.88
N THR B 197 18.67 -14.61 -22.36
CA THR B 197 17.80 -13.48 -22.08
C THR B 197 17.73 -13.17 -20.60
N THR B 198 17.73 -11.88 -20.28
CA THR B 198 17.80 -11.41 -18.91
C THR B 198 16.65 -11.89 -18.03
N ARG B 199 15.63 -12.47 -18.65
CA ARG B 199 14.46 -12.95 -17.91
C ARG B 199 14.63 -14.36 -17.35
N SER B 200 15.80 -14.96 -17.57
CA SER B 200 16.07 -16.31 -17.06
C SER B 200 15.97 -16.32 -15.54
N ARG B 201 15.20 -17.25 -15.00
CA ARG B 201 14.96 -17.28 -13.56
C ARG B 201 15.36 -18.62 -12.93
N PRO B 202 16.03 -18.56 -11.77
CA PRO B 202 16.59 -19.74 -11.11
C PRO B 202 15.58 -20.57 -10.31
N ILE B 203 15.93 -21.84 -10.12
CA ILE B 203 15.10 -22.79 -9.38
C ILE B 203 15.04 -22.43 -7.89
N ILE B 204 16.18 -22.04 -7.36
CA ILE B 204 16.28 -21.65 -5.97
C ILE B 204 16.75 -20.21 -5.92
N ASN B 205 16.11 -19.42 -5.07
CA ASN B 205 16.54 -18.06 -4.81
C ASN B 205 16.57 -17.79 -3.32
N THR B 206 17.77 -17.53 -2.81
CA THR B 206 17.96 -17.23 -1.41
C THR B 206 17.99 -15.72 -1.15
N ARG B 207 18.08 -14.95 -2.23
CA ARG B 207 18.46 -13.55 -2.12
C ARG B 207 17.26 -12.62 -1.95
N ASP B 208 16.08 -13.22 -1.78
CA ASP B 208 14.86 -12.46 -1.51
C ASP B 208 14.97 -11.75 -0.17
N GLU B 209 14.20 -10.67 0.00
CA GLU B 209 14.12 -9.97 1.28
C GLU B 209 13.56 -10.92 2.32
N PRO B 210 14.25 -11.05 3.47
CA PRO B 210 13.87 -12.06 4.46
C PRO B 210 12.49 -11.85 5.11
N HIS B 211 12.00 -10.61 5.16
CA HIS B 211 10.80 -10.28 5.93
C HIS B 211 10.97 -10.75 7.38
N ALA B 212 12.22 -10.70 7.82
CA ALA B 212 12.67 -11.20 9.11
C ALA B 212 13.96 -10.45 9.45
N ASP B 213 14.44 -10.58 10.69
CA ASP B 213 15.69 -9.94 11.06
C ASP B 213 16.77 -10.36 10.08
N SER B 214 17.44 -9.38 9.47
CA SER B 214 18.40 -9.64 8.41
C SER B 214 19.52 -10.59 8.85
N HIS B 215 19.97 -10.42 10.10
CA HIS B 215 21.08 -11.20 10.63
C HIS B 215 20.69 -12.60 11.09
N SER B 216 19.45 -12.76 11.55
CA SER B 216 19.03 -14.03 12.11
C SER B 216 18.64 -15.09 11.08
N TYR B 217 17.87 -14.69 10.07
CA TYR B 217 17.25 -15.67 9.19
C TYR B 217 17.39 -15.38 7.70
N ARG B 218 17.43 -16.46 6.91
CA ARG B 218 17.44 -16.36 5.45
C ARG B 218 16.15 -16.93 4.86
N ARG B 219 15.78 -16.39 3.71
CA ARG B 219 14.57 -16.82 3.00
C ARG B 219 14.91 -17.70 1.79
N LEU B 220 14.32 -18.88 1.75
CA LEU B 220 14.45 -19.74 0.58
C LEU B 220 13.15 -19.71 -0.25
N HIS B 221 13.29 -19.39 -1.53
CA HIS B 221 12.15 -19.34 -2.44
C HIS B 221 12.33 -20.39 -3.55
N VAL B 222 11.39 -21.34 -3.63
CA VAL B 222 11.48 -22.48 -4.54
C VAL B 222 10.35 -22.48 -5.56
N ILE B 223 10.70 -22.59 -6.84
CA ILE B 223 9.73 -22.57 -7.95
C ILE B 223 9.35 -23.86 -8.68
N VAL B 224 9.93 -25.01 -8.33
CA VAL B 224 9.79 -26.18 -9.19
C VAL B 224 8.51 -26.99 -9.04
N GLY B 225 7.74 -26.77 -7.97
CA GLY B 225 6.60 -27.63 -7.68
C GLY B 225 5.31 -27.38 -8.43
N ASP B 226 4.49 -28.41 -8.59
CA ASP B 226 3.15 -28.26 -9.17
C ASP B 226 2.15 -27.71 -8.14
N ALA B 227 1.10 -27.03 -8.61
CA ALA B 227 -0.07 -26.80 -7.77
C ALA B 227 -0.80 -28.13 -7.53
N ASN B 228 -1.00 -28.50 -6.27
CA ASN B 228 -1.65 -29.76 -5.93
C ASN B 228 -3.08 -29.59 -5.40
N MET B 229 -3.91 -30.59 -5.66
CA MET B 229 -5.28 -30.62 -5.15
C MET B 229 -5.37 -31.50 -3.88
N ALA B 230 -5.03 -32.78 -4.02
CA ALA B 230 -5.07 -33.71 -2.91
C ALA B 230 -4.23 -33.26 -1.71
N GLU B 231 -4.87 -33.24 -0.55
CA GLU B 231 -4.19 -32.76 0.67
C GLU B 231 -2.93 -33.57 0.98
N PRO B 232 -2.97 -34.90 0.80
CA PRO B 232 -1.75 -35.69 1.07
C PRO B 232 -0.65 -35.42 0.04
N SER B 233 -1.00 -34.91 -1.13
CA SER B 233 0.04 -34.50 -2.09
C SER B 233 0.76 -33.26 -1.60
N ILE B 234 0.02 -32.30 -1.06
CA ILE B 234 0.64 -31.11 -0.52
C ILE B 234 1.54 -31.53 0.66
N ALA B 235 1.00 -32.36 1.54
CA ALA B 235 1.74 -32.80 2.72
C ALA B 235 3.05 -33.45 2.33
N LEU B 236 3.03 -34.27 1.29
CA LEU B 236 4.21 -34.99 0.89
C LEU B 236 5.24 -34.05 0.28
N LYS B 237 4.79 -33.16 -0.59
CA LYS B 237 5.66 -32.19 -1.25
C LYS B 237 6.41 -31.34 -0.23
N VAL B 238 5.66 -30.70 0.65
CA VAL B 238 6.27 -29.81 1.64
C VAL B 238 6.98 -30.59 2.74
N GLY B 239 6.33 -31.67 3.21
CA GLY B 239 6.84 -32.47 4.30
C GLY B 239 8.19 -33.10 4.04
N SER B 240 8.32 -33.71 2.86
CA SER B 240 9.60 -34.28 2.46
C SER B 240 10.67 -33.18 2.38
N THR B 241 10.29 -32.01 1.89
CA THR B 241 11.23 -30.89 1.77
C THR B 241 11.69 -30.40 3.16
N LEU B 242 10.77 -30.37 4.12
CA LEU B 242 11.11 -30.00 5.49
C LEU B 242 12.16 -30.97 6.09
N LEU B 243 11.95 -32.27 5.90
CA LEU B 243 12.91 -33.24 6.41
C LEU B 243 14.28 -33.06 5.76
N VAL B 244 14.30 -32.74 4.47
CA VAL B 244 15.59 -32.54 3.80
C VAL B 244 16.29 -31.29 4.34
N LEU B 245 15.56 -30.19 4.49
CA LEU B 245 16.14 -28.98 5.08
C LEU B 245 16.68 -29.25 6.50
N GLU B 246 15.96 -30.06 7.28
CA GLU B 246 16.38 -30.38 8.65
C GLU B 246 17.68 -31.18 8.67
N MET B 247 17.74 -32.22 7.84
CA MET B 247 18.95 -33.05 7.76
C MET B 247 20.17 -32.22 7.40
N ILE B 248 19.98 -31.28 6.48
CA ILE B 248 21.06 -30.39 6.09
C ILE B 248 21.48 -29.47 7.26
N GLU B 249 20.51 -28.83 7.90
CA GLU B 249 20.80 -27.95 9.04
C GLU B 249 21.45 -28.69 10.22
N ALA B 250 21.08 -29.95 10.42
CA ALA B 250 21.65 -30.74 11.51
C ALA B 250 22.93 -31.42 11.06
N ASP B 251 23.28 -31.22 9.80
CA ASP B 251 24.44 -31.89 9.22
C ASP B 251 24.39 -33.38 9.51
N PHE B 252 23.25 -33.98 9.24
CA PHE B 252 22.96 -35.36 9.61
C PHE B 252 23.73 -36.39 8.77
N GLY B 253 24.39 -35.95 7.71
CA GLY B 253 25.15 -36.87 6.87
C GLY B 253 24.49 -37.31 5.56
N LEU B 254 23.50 -36.55 5.11
CA LEU B 254 22.92 -36.74 3.79
C LEU B 254 24.02 -36.56 2.73
N PRO B 255 24.26 -37.60 1.93
CA PRO B 255 25.37 -37.54 0.97
C PRO B 255 25.24 -36.37 -0.01
N SER B 256 26.37 -35.84 -0.47
CA SER B 256 26.32 -34.84 -1.52
C SER B 256 26.12 -35.57 -2.84
N LEU B 257 24.97 -35.33 -3.45
CA LEU B 257 24.57 -35.89 -4.74
C LEU B 257 24.71 -34.93 -5.94
N GLU B 258 25.49 -33.86 -5.80
CA GLU B 258 25.45 -32.74 -6.72
C GLU B 258 25.44 -33.16 -8.20
N LEU B 259 24.53 -32.56 -8.96
CA LEU B 259 24.36 -32.89 -10.37
C LEU B 259 25.33 -32.10 -11.23
N ALA B 260 25.83 -32.74 -12.29
CA ALA B 260 26.63 -32.04 -13.31
C ALA B 260 25.83 -30.86 -13.86
N ASN B 261 24.57 -31.11 -14.20
CA ASN B 261 23.71 -30.06 -14.72
C ASN B 261 22.30 -30.16 -14.14
N ASP B 262 21.87 -29.10 -13.48
CA ASP B 262 20.60 -29.11 -12.76
C ASP B 262 19.39 -29.47 -13.63
N ILE B 263 19.29 -28.86 -14.80
CA ILE B 263 18.09 -28.99 -15.64
C ILE B 263 18.22 -30.02 -16.76
N ALA B 264 19.34 -30.73 -16.81
CA ALA B 264 19.62 -31.65 -17.91
C ALA B 264 18.56 -32.76 -18.05
N SER B 265 18.12 -33.31 -16.92
CA SER B 265 17.11 -34.36 -16.91
C SER B 265 15.68 -33.97 -16.50
N ILE B 266 15.43 -32.68 -16.25
CA ILE B 266 14.17 -32.31 -15.59
C ILE B 266 12.93 -32.65 -16.42
N ARG B 267 13.01 -32.43 -17.72
CA ARG B 267 11.88 -32.68 -18.60
C ARG B 267 11.72 -34.18 -18.84
N GLU B 268 12.84 -34.89 -18.83
CA GLU B 268 12.85 -36.34 -19.09
C GLU B 268 12.25 -37.15 -17.93
N ILE B 269 12.57 -36.75 -16.70
CA ILE B 269 12.00 -37.38 -15.53
C ILE B 269 10.47 -37.27 -15.57
N SER B 270 10.00 -36.12 -16.01
CA SER B 270 8.58 -35.83 -16.07
C SER B 270 7.82 -36.86 -16.91
N ARG B 271 8.49 -37.38 -17.92
CA ARG B 271 7.85 -38.33 -18.83
C ARG B 271 8.01 -39.79 -18.41
N ASP B 272 8.80 -40.08 -17.38
CA ASP B 272 9.02 -41.49 -17.06
C ASP B 272 8.59 -41.91 -15.64
N ALA B 273 7.48 -42.62 -15.58
CA ALA B 273 6.82 -42.93 -14.31
C ALA B 273 7.44 -44.14 -13.63
N THR B 274 8.46 -44.73 -14.26
CA THR B 274 9.24 -45.78 -13.63
C THR B 274 10.45 -45.19 -12.94
N GLY B 275 10.71 -43.91 -13.19
CA GLY B 275 11.80 -43.23 -12.50
C GLY B 275 13.18 -43.68 -12.93
N SER B 276 13.29 -44.25 -14.13
CA SER B 276 14.56 -44.79 -14.57
C SER B 276 15.44 -43.76 -15.30
N THR B 277 14.94 -42.55 -15.44
CA THR B 277 15.72 -41.47 -16.06
C THR B 277 17.10 -41.33 -15.42
N LEU B 278 18.15 -41.27 -16.24
CA LEU B 278 19.54 -41.15 -15.76
C LEU B 278 19.96 -39.70 -15.44
N LEU B 279 20.65 -39.51 -14.31
CA LEU B 279 21.21 -38.20 -13.97
C LEU B 279 22.73 -38.28 -13.75
N SER B 280 23.48 -37.44 -14.45
CA SER B 280 24.94 -37.38 -14.28
C SER B 280 25.37 -36.52 -13.08
N LEU B 281 26.00 -37.16 -12.10
CA LEU B 281 26.56 -36.47 -10.93
C LEU B 281 27.94 -35.88 -11.15
N LYS B 282 28.25 -34.83 -10.39
CA LYS B 282 29.59 -34.21 -10.40
C LYS B 282 30.72 -35.19 -10.12
N ASP B 283 30.50 -36.12 -9.19
CA ASP B 283 31.53 -37.07 -8.80
C ASP B 283 31.81 -38.13 -9.88
N GLY B 284 31.01 -38.15 -10.93
CA GLY B 284 31.29 -39.00 -12.08
C GLY B 284 30.45 -40.27 -12.15
N THR B 285 29.65 -40.52 -11.12
CA THR B 285 28.71 -41.64 -11.17
C THR B 285 27.41 -41.19 -11.84
N THR B 286 26.50 -42.15 -12.03
CA THR B 286 25.17 -41.85 -12.57
C THR B 286 24.13 -42.59 -11.73
N MET B 287 23.00 -41.94 -11.46
CA MET B 287 21.91 -42.58 -10.72
C MET B 287 20.61 -42.34 -11.45
N THR B 288 19.64 -43.23 -11.27
CA THR B 288 18.30 -42.94 -11.75
C THR B 288 17.59 -41.96 -10.80
N ALA B 289 16.57 -41.27 -11.31
CA ALA B 289 15.75 -40.39 -10.48
C ALA B 289 15.19 -41.15 -9.29
N LEU B 290 14.73 -42.37 -9.53
CA LEU B 290 14.19 -43.19 -8.45
C LEU B 290 15.23 -43.53 -7.37
N GLN B 291 16.49 -43.66 -7.79
CA GLN B 291 17.57 -43.99 -6.85
C GLN B 291 17.95 -42.81 -5.96
N ILE B 292 17.91 -41.60 -6.50
CA ILE B 292 18.15 -40.40 -5.69
C ILE B 292 17.10 -40.26 -4.61
N GLN B 293 15.84 -40.41 -5.00
CA GLN B 293 14.73 -40.40 -4.04
C GLN B 293 14.88 -41.49 -2.99
N GLN B 294 15.22 -42.71 -3.41
CA GLN B 294 15.42 -43.81 -2.45
C GLN B 294 16.49 -43.46 -1.43
N VAL B 295 17.59 -42.89 -1.89
CA VAL B 295 18.68 -42.57 -0.97
C VAL B 295 18.31 -41.42 -0.03
N VAL B 296 17.62 -40.42 -0.54
CA VAL B 296 17.18 -39.31 0.29
C VAL B 296 16.17 -39.82 1.31
N PHE B 297 15.19 -40.59 0.84
CA PHE B 297 14.18 -41.19 1.73
C PHE B 297 14.78 -42.09 2.81
N GLU B 298 15.76 -42.90 2.44
CA GLU B 298 16.43 -43.77 3.42
C GLU B 298 17.05 -42.95 4.56
N HIS B 299 17.71 -41.85 4.21
CA HIS B 299 18.31 -41.00 5.24
C HIS B 299 17.26 -40.27 6.09
N ALA B 300 16.25 -39.70 5.44
CA ALA B 300 15.16 -39.06 6.17
C ALA B 300 14.60 -40.02 7.22
N SER B 301 14.58 -41.30 6.90
CA SER B 301 14.03 -42.32 7.79
C SER B 301 14.90 -42.50 9.02
N LYS B 302 16.22 -42.39 8.85
CA LYS B 302 17.13 -42.47 9.98
C LYS B 302 17.06 -41.17 10.77
N TRP B 303 16.82 -40.07 10.07
CA TRP B 303 16.76 -38.78 10.72
C TRP B 303 15.60 -38.79 11.71
N LEU B 304 14.46 -39.32 11.28
CA LEU B 304 13.28 -39.36 12.14
C LEU B 304 13.58 -40.01 13.49
N GLU B 305 14.41 -41.05 13.49
CA GLU B 305 14.82 -41.74 14.71
C GLU B 305 15.51 -40.80 15.70
N GLN B 306 16.30 -39.87 15.19
CA GLN B 306 17.01 -38.92 16.02
C GLN B 306 16.34 -37.55 16.16
N ARG B 307 15.22 -37.34 15.47
CA ARG B 307 14.62 -35.99 15.40
C ARG B 307 14.05 -35.51 16.74
N PRO B 308 14.64 -34.44 17.31
CA PRO B 308 14.11 -33.95 18.59
C PRO B 308 12.73 -33.37 18.41
N GLU B 309 11.82 -33.78 19.27
CA GLU B 309 10.47 -33.26 19.27
C GLU B 309 10.55 -31.75 19.46
N PRO B 310 9.88 -30.96 18.59
CA PRO B 310 9.88 -29.51 18.77
C PRO B 310 9.24 -29.14 20.10
N GLU B 311 9.86 -28.23 20.85
CA GLU B 311 9.35 -27.79 22.15
C GLU B 311 8.03 -27.05 22.03
N PHE B 312 7.97 -26.10 21.09
CA PHE B 312 6.82 -25.24 20.94
C PHE B 312 6.35 -25.25 19.48
N SER B 313 5.11 -25.67 19.27
CA SER B 313 4.54 -25.70 17.93
C SER B 313 5.39 -26.56 16.98
N GLY B 314 5.61 -26.07 15.76
CA GLY B 314 6.37 -26.80 14.75
C GLY B 314 5.62 -28.02 14.24
N THR B 315 6.29 -28.86 13.46
CA THR B 315 5.69 -30.12 12.98
C THR B 315 6.18 -31.26 13.87
N SER B 316 5.26 -32.03 14.46
CA SER B 316 5.64 -33.06 15.42
C SER B 316 6.27 -34.28 14.76
N ASN B 317 6.73 -35.21 15.59
CA ASN B 317 7.31 -36.44 15.07
C ASN B 317 6.25 -37.39 14.54
N THR B 318 5.05 -37.30 15.09
CA THR B 318 3.96 -38.15 14.62
C THR B 318 3.52 -37.74 13.21
N GLU B 319 3.50 -36.44 12.95
CA GLU B 319 3.12 -35.98 11.62
C GLU B 319 4.20 -36.37 10.60
N MET B 320 5.46 -36.15 10.95
CA MET B 320 6.56 -36.55 10.09
C MET B 320 6.55 -38.04 9.77
N ALA B 321 6.10 -38.87 10.72
CA ALA B 321 6.00 -40.31 10.49
C ALA B 321 4.94 -40.60 9.44
N ARG B 322 3.82 -39.87 9.51
CA ARG B 322 2.80 -39.94 8.46
C ARG B 322 3.38 -39.57 7.09
N VAL B 323 4.23 -38.55 7.07
CA VAL B 323 4.85 -38.10 5.84
C VAL B 323 5.72 -39.20 5.25
N LEU B 324 6.52 -39.85 6.11
CA LEU B 324 7.40 -40.92 5.68
C LEU B 324 6.66 -42.19 5.28
N ASP B 325 5.56 -42.48 5.98
CA ASP B 325 4.70 -43.59 5.57
C ASP B 325 4.32 -43.45 4.10
N LEU B 326 3.83 -42.25 3.74
CA LEU B 326 3.42 -41.98 2.36
C LEU B 326 4.62 -41.98 1.40
N TRP B 327 5.70 -41.33 1.82
CA TRP B 327 6.90 -41.25 0.99
C TRP B 327 7.36 -42.67 0.62
N GLY B 328 7.44 -43.56 1.61
CA GLY B 328 7.86 -44.95 1.37
C GLY B 328 6.93 -45.73 0.44
N ARG B 329 5.63 -45.61 0.65
CA ARG B 329 4.66 -46.28 -0.21
C ARG B 329 4.76 -45.81 -1.66
N MET B 330 5.00 -44.51 -1.86
CA MET B 330 5.11 -43.97 -3.20
C MET B 330 6.30 -44.55 -3.95
N LEU B 331 7.45 -44.60 -3.27
CA LEU B 331 8.67 -45.13 -3.86
C LEU B 331 8.54 -46.62 -4.16
N LYS B 332 7.79 -47.34 -3.34
CA LYS B 332 7.55 -48.75 -3.59
C LYS B 332 6.68 -48.93 -4.82
N ALA B 333 5.65 -48.10 -4.93
CA ALA B 333 4.77 -48.12 -6.09
C ALA B 333 5.55 -47.83 -7.37
N ILE B 334 6.42 -46.83 -7.33
CA ILE B 334 7.21 -46.49 -8.50
C ILE B 334 8.11 -47.64 -8.94
N GLU B 335 8.65 -48.37 -7.97
CA GLU B 335 9.58 -49.44 -8.28
C GLU B 335 8.89 -50.69 -8.79
N SER B 336 7.78 -51.05 -8.16
CA SER B 336 7.02 -52.24 -8.52
C SER B 336 6.10 -52.01 -9.71
N GLY B 337 5.70 -50.77 -9.95
CA GLY B 337 4.73 -50.45 -10.97
C GLY B 337 3.30 -50.71 -10.51
N ASP B 338 3.15 -51.07 -9.24
CA ASP B 338 1.83 -51.27 -8.62
C ASP B 338 1.48 -50.11 -7.70
N PHE B 339 0.51 -49.30 -8.14
CA PHE B 339 0.11 -48.08 -7.44
C PHE B 339 -1.13 -48.18 -6.56
N SER B 340 -1.67 -49.39 -6.42
CA SER B 340 -2.93 -49.61 -5.74
C SER B 340 -3.02 -49.04 -4.32
N GLU B 341 -1.88 -48.89 -3.65
CA GLU B 341 -1.84 -48.31 -2.30
C GLU B 341 -1.79 -46.78 -2.20
N VAL B 342 -1.24 -46.12 -3.21
CA VAL B 342 -1.12 -44.65 -3.23
C VAL B 342 -2.14 -43.93 -4.11
N ASP B 343 -3.01 -44.69 -4.75
CA ASP B 343 -3.88 -44.19 -5.81
C ASP B 343 -5.02 -43.31 -5.29
N THR B 344 -5.20 -43.22 -3.98
CA THR B 344 -6.05 -42.17 -3.42
C THR B 344 -5.27 -40.94 -2.88
N GLU B 345 -3.94 -41.04 -2.77
CA GLU B 345 -3.15 -39.92 -2.20
C GLU B 345 -2.31 -38.97 -3.08
N ILE B 346 -1.96 -39.37 -4.30
CA ILE B 346 -1.01 -38.58 -5.10
C ILE B 346 -1.68 -38.09 -6.38
N ASP B 347 -1.66 -36.77 -6.60
CA ASP B 347 -2.44 -36.18 -7.70
C ASP B 347 -2.25 -36.88 -9.06
N TRP B 348 -1.01 -37.00 -9.53
CA TRP B 348 -0.82 -37.51 -10.88
C TRP B 348 -1.30 -38.95 -10.96
N VAL B 349 -1.17 -39.69 -9.86
CA VAL B 349 -1.64 -41.06 -9.80
C VAL B 349 -3.16 -41.12 -9.81
N ILE B 350 -3.77 -40.28 -8.99
CA ILE B 350 -5.21 -40.17 -8.92
C ILE B 350 -5.78 -39.82 -10.29
N LYS B 351 -5.18 -38.82 -10.93
CA LYS B 351 -5.63 -38.35 -12.24
C LYS B 351 -5.45 -39.44 -13.34
N LYS B 352 -4.30 -40.11 -13.32
CA LYS B 352 -4.00 -41.15 -14.30
C LYS B 352 -4.98 -42.32 -14.21
N LYS B 353 -5.34 -42.70 -12.98
CA LYS B 353 -6.32 -43.75 -12.77
C LYS B 353 -7.61 -43.39 -13.51
N LEU B 354 -8.04 -42.15 -13.32
CA LEU B 354 -9.24 -41.64 -13.98
C LEU B 354 -9.09 -41.67 -15.50
N ILE B 355 -7.98 -41.15 -15.99
CA ILE B 355 -7.73 -41.10 -17.43
C ILE B 355 -7.73 -42.48 -18.06
N ASP B 356 -7.06 -43.42 -17.40
CA ASP B 356 -6.98 -44.80 -17.88
C ASP B 356 -8.36 -45.46 -17.99
N ARG B 357 -9.23 -45.19 -17.02
CA ARG B 357 -10.60 -45.70 -17.07
C ARG B 357 -11.33 -45.27 -18.33
N PHE B 358 -11.32 -43.96 -18.61
CA PHE B 358 -11.99 -43.44 -19.79
C PHE B 358 -11.40 -44.03 -21.08
N ILE B 359 -10.08 -44.15 -21.09
CA ILE B 359 -9.39 -44.76 -22.22
C ILE B 359 -9.93 -46.16 -22.47
N GLN B 360 -10.04 -46.96 -21.42
CA GLN B 360 -10.53 -48.32 -21.56
C GLN B 360 -12.01 -48.39 -21.96
N ARG B 361 -12.86 -47.67 -21.24
CA ARG B 361 -14.28 -47.64 -21.59
C ARG B 361 -14.53 -47.26 -23.05
N GLY B 362 -13.77 -46.28 -23.56
CA GLY B 362 -14.04 -45.75 -24.88
C GLY B 362 -13.10 -46.18 -25.99
N ASN B 363 -12.07 -46.96 -25.64
CA ASN B 363 -11.03 -47.23 -26.61
C ASN B 363 -10.48 -45.91 -27.15
N LEU B 364 -10.22 -44.97 -26.24
CA LEU B 364 -9.79 -43.62 -26.59
C LEU B 364 -8.31 -43.51 -26.90
N GLY B 365 -7.94 -42.51 -27.70
CA GLY B 365 -6.55 -42.12 -27.86
C GLY B 365 -6.22 -40.99 -26.88
N LEU B 366 -4.96 -40.84 -26.50
CA LEU B 366 -4.56 -39.90 -25.44
C LEU B 366 -4.84 -38.43 -25.76
N ASP B 367 -5.03 -38.15 -27.05
CA ASP B 367 -5.28 -36.81 -27.57
C ASP B 367 -6.78 -36.49 -27.71
N ASP B 368 -7.63 -37.40 -27.23
CA ASP B 368 -9.06 -37.16 -27.23
C ASP B 368 -9.43 -36.00 -26.31
N PRO B 369 -10.17 -35.01 -26.84
CA PRO B 369 -10.64 -33.81 -26.13
C PRO B 369 -11.28 -34.15 -24.79
N LYS B 370 -11.95 -35.31 -24.72
CA LYS B 370 -12.56 -35.71 -23.47
C LYS B 370 -11.52 -35.83 -22.36
N LEU B 371 -10.37 -36.42 -22.68
CA LEU B 371 -9.32 -36.60 -21.69
C LEU B 371 -8.67 -35.26 -21.35
N ALA B 372 -8.59 -34.38 -22.34
CA ALA B 372 -8.05 -33.05 -22.08
C ALA B 372 -8.98 -32.29 -21.14
N GLN B 373 -10.28 -32.52 -21.26
CA GLN B 373 -11.24 -31.90 -20.37
C GLN B 373 -11.07 -32.39 -18.94
N VAL B 374 -10.85 -33.71 -18.78
CA VAL B 374 -10.55 -34.28 -17.46
C VAL B 374 -9.25 -33.70 -16.87
N ASP B 375 -8.21 -33.62 -17.68
CA ASP B 375 -6.91 -33.12 -17.24
C ASP B 375 -7.06 -31.71 -16.68
N LEU B 376 -7.91 -30.92 -17.33
CA LEU B 376 -8.14 -29.54 -16.93
C LEU B 376 -9.08 -29.43 -15.73
N THR B 377 -10.22 -30.11 -15.80
CA THR B 377 -11.27 -29.88 -14.83
C THR B 377 -11.03 -30.53 -13.46
N TYR B 378 -10.04 -31.42 -13.41
CA TYR B 378 -9.55 -31.89 -12.11
C TYR B 378 -9.17 -30.67 -11.25
N HIS B 379 -8.68 -29.60 -11.88
CA HIS B 379 -8.16 -28.44 -11.15
C HIS B 379 -9.16 -27.29 -10.96
N ASP B 380 -10.40 -27.53 -11.37
CA ASP B 380 -11.48 -26.57 -11.12
C ASP B 380 -11.79 -26.61 -9.63
N ILE B 381 -11.65 -25.46 -8.97
CA ILE B 381 -11.80 -25.40 -7.51
C ILE B 381 -13.23 -25.27 -6.97
N ARG B 382 -14.21 -25.14 -7.86
CA ARG B 382 -15.62 -25.01 -7.45
C ARG B 382 -16.17 -26.32 -6.91
N PRO B 383 -16.59 -26.32 -5.64
CA PRO B 383 -17.16 -27.53 -5.03
C PRO B 383 -18.36 -28.05 -5.83
N GLY B 384 -18.34 -29.34 -6.13
CA GLY B 384 -19.43 -30.03 -6.79
C GLY B 384 -19.36 -29.95 -8.30
N ARG B 385 -18.73 -28.89 -8.82
CA ARG B 385 -18.41 -28.79 -10.24
C ARG B 385 -17.05 -29.40 -10.65
N GLY B 386 -16.04 -29.21 -9.80
CA GLY B 386 -14.70 -29.70 -10.08
C GLY B 386 -14.58 -31.19 -9.82
N LEU B 387 -13.79 -31.88 -10.64
CA LEU B 387 -13.63 -33.33 -10.53
C LEU B 387 -13.04 -33.74 -9.19
N PHE B 388 -12.01 -33.01 -8.77
CA PHE B 388 -11.34 -33.32 -7.53
C PHE B 388 -12.33 -33.34 -6.38
N SER B 389 -13.21 -32.35 -6.35
CA SER B 389 -14.17 -32.22 -5.27
C SER B 389 -15.22 -33.35 -5.34
N VAL B 390 -15.63 -33.70 -6.56
CA VAL B 390 -16.54 -34.84 -6.73
C VAL B 390 -15.92 -36.13 -6.18
N LEU B 391 -14.67 -36.40 -6.53
CA LEU B 391 -13.97 -37.60 -6.08
C LEU B 391 -13.75 -37.61 -4.56
N GLN B 392 -13.33 -36.47 -4.00
CA GLN B 392 -13.07 -36.42 -2.58
C GLN B 392 -14.32 -36.77 -1.78
N SER B 393 -15.47 -36.34 -2.30
CA SER B 393 -16.75 -36.68 -1.69
C SER B 393 -17.01 -38.18 -1.64
N ARG B 394 -16.54 -38.89 -2.67
CA ARG B 394 -16.81 -40.33 -2.83
C ARG B 394 -15.92 -41.19 -1.94
N GLY B 395 -14.94 -40.57 -1.28
CA GLY B 395 -13.96 -41.32 -0.53
C GLY B 395 -12.83 -41.82 -1.43
N MET B 396 -12.82 -41.33 -2.67
CA MET B 396 -11.79 -41.70 -3.65
C MET B 396 -10.48 -40.92 -3.46
N ILE B 397 -10.51 -39.90 -2.62
CA ILE B 397 -9.29 -39.14 -2.32
C ILE B 397 -9.17 -38.99 -0.82
N LYS B 398 -8.01 -39.37 -0.29
CA LYS B 398 -7.79 -39.33 1.15
C LYS B 398 -7.52 -37.92 1.69
N ARG B 399 -7.96 -37.66 2.92
CA ARG B 399 -7.80 -36.38 3.60
C ARG B 399 -6.52 -36.35 4.43
N TRP B 400 -5.84 -35.21 4.48
CA TRP B 400 -4.83 -34.98 5.50
C TRP B 400 -5.32 -34.09 6.64
N THR B 401 -6.41 -33.38 6.42
CA THR B 401 -6.94 -32.42 7.38
C THR B 401 -8.46 -32.46 7.35
N THR B 402 -9.12 -31.49 7.96
CA THR B 402 -10.57 -31.53 8.03
C THR B 402 -11.18 -30.28 7.45
N ASP B 403 -12.42 -30.40 7.00
CA ASP B 403 -13.17 -29.24 6.53
C ASP B 403 -13.25 -28.12 7.58
N GLU B 404 -13.38 -28.48 8.86
CA GLU B 404 -13.52 -27.48 9.92
C GLU B 404 -12.28 -26.58 10.08
N ALA B 405 -11.10 -27.20 10.10
CA ALA B 405 -9.85 -26.44 10.17
C ALA B 405 -9.68 -25.53 8.95
N ILE B 406 -10.06 -26.01 7.77
CA ILE B 406 -9.95 -25.20 6.58
C ILE B 406 -10.90 -24.03 6.67
N LEU B 407 -12.13 -24.30 7.09
CA LEU B 407 -13.15 -23.26 7.21
C LEU B 407 -12.73 -22.17 8.20
N ALA B 408 -12.17 -22.57 9.33
CA ALA B 408 -11.70 -21.60 10.30
C ALA B 408 -10.55 -20.77 9.74
N ALA B 409 -9.72 -21.38 8.91
CA ALA B 409 -8.57 -20.67 8.35
C ALA B 409 -9.02 -19.59 7.36
N VAL B 410 -10.25 -19.68 6.89
CA VAL B 410 -10.76 -18.66 5.99
C VAL B 410 -10.80 -17.27 6.67
N ASP B 411 -11.31 -17.21 7.90
CA ASP B 411 -11.41 -15.93 8.59
C ASP B 411 -10.42 -15.57 9.70
N THR B 412 -9.59 -16.52 10.11
CA THR B 412 -8.77 -16.35 11.30
C THR B 412 -7.36 -16.80 11.03
N ALA B 413 -6.41 -15.93 11.33
CA ALA B 413 -5.00 -16.13 10.97
C ALA B 413 -4.36 -17.19 11.85
N PRO B 414 -3.21 -17.74 11.42
CA PRO B 414 -2.49 -18.68 12.31
C PRO B 414 -2.29 -18.03 13.67
N ASP B 415 -2.40 -18.82 14.75
CA ASP B 415 -2.25 -18.25 16.08
C ASP B 415 -0.82 -18.34 16.61
N THR B 416 0.06 -18.98 15.85
CA THR B 416 1.43 -19.23 16.31
C THR B 416 2.53 -18.33 15.74
N THR B 417 2.21 -17.46 14.80
CA THR B 417 3.23 -16.67 14.12
C THR B 417 2.86 -15.19 14.11
N ARG B 418 3.74 -14.38 13.56
CA ARG B 418 3.45 -12.95 13.35
C ARG B 418 2.12 -12.66 12.61
N ALA B 419 1.64 -13.60 11.78
CA ALA B 419 0.34 -13.42 11.10
C ALA B 419 -0.83 -13.22 12.06
N HIS B 420 -0.71 -13.81 13.25
CA HIS B 420 -1.68 -13.62 14.33
C HIS B 420 -1.89 -12.13 14.65
N LEU B 421 -0.80 -11.39 14.68
CA LEU B 421 -0.82 -9.98 15.05
C LEU B 421 -1.38 -9.11 13.92
N ARG B 422 -0.96 -9.40 12.68
CA ARG B 422 -1.47 -8.66 11.52
C ARG B 422 -2.98 -8.88 11.45
N GLY B 423 -3.39 -10.12 11.73
CA GLY B 423 -4.80 -10.46 11.77
C GLY B 423 -5.61 -9.67 12.80
N ARG B 424 -5.09 -9.59 14.01
CA ARG B 424 -5.74 -8.80 15.06
C ARG B 424 -5.92 -7.34 14.62
N ILE B 425 -4.89 -6.79 13.98
CA ILE B 425 -4.93 -5.39 13.58
C ILE B 425 -6.00 -5.18 12.50
N LEU B 426 -6.04 -6.09 11.55
CA LEU B 426 -7.01 -6.00 10.46
C LEU B 426 -8.43 -6.33 10.94
N LYS B 427 -8.56 -7.24 11.91
CA LYS B 427 -9.87 -7.47 12.52
C LYS B 427 -10.37 -6.25 13.26
N ALA B 428 -9.48 -5.57 13.97
CA ALA B 428 -9.88 -4.37 14.69
C ALA B 428 -10.27 -3.26 13.70
N ALA B 429 -9.55 -3.16 12.59
CA ALA B 429 -9.89 -2.16 11.58
C ALA B 429 -11.29 -2.40 11.01
N ASP B 430 -11.64 -3.66 10.78
CA ASP B 430 -12.96 -4.05 10.26
C ASP B 430 -14.07 -3.72 11.25
N THR B 431 -13.88 -4.14 12.49
CA THR B 431 -14.93 -3.92 13.49
C THR B 431 -15.07 -2.43 13.85
N LEU B 432 -13.97 -1.69 13.84
CA LEU B 432 -14.01 -0.26 14.22
C LEU B 432 -14.35 0.67 13.05
N GLY B 433 -14.35 0.13 11.84
CA GLY B 433 -14.57 0.94 10.66
C GLY B 433 -13.50 1.99 10.40
N VAL B 434 -12.24 1.69 10.75
CA VAL B 434 -11.16 2.63 10.52
C VAL B 434 -10.07 2.07 9.59
N PRO B 435 -9.44 2.95 8.81
CA PRO B 435 -8.39 2.51 7.88
C PRO B 435 -7.07 2.22 8.58
N VAL B 436 -6.34 1.25 8.06
CA VAL B 436 -4.97 0.98 8.49
C VAL B 436 -4.19 0.48 7.27
N THR B 437 -2.88 0.72 7.21
CA THR B 437 -2.09 0.20 6.10
C THR B 437 -1.11 -0.83 6.64
N VAL B 438 -1.24 -2.08 6.19
CA VAL B 438 -0.36 -3.14 6.66
C VAL B 438 0.40 -3.83 5.55
N ASP B 439 1.44 -4.56 5.95
CA ASP B 439 2.34 -5.20 5.03
C ASP B 439 2.88 -6.40 5.81
N TRP B 440 3.76 -7.21 5.22
CA TRP B 440 4.37 -8.31 5.96
C TRP B 440 5.02 -7.82 7.27
N MET B 441 5.80 -6.74 7.18
CA MET B 441 6.44 -6.19 8.37
C MET B 441 5.91 -4.89 8.99
N ARG B 442 5.17 -4.08 8.24
CA ARG B 442 4.89 -2.74 8.70
C ARG B 442 3.41 -2.50 8.85
N HIS B 443 3.04 -1.76 9.89
CA HIS B 443 1.63 -1.51 10.17
C HIS B 443 1.48 -0.07 10.63
N LYS B 444 0.59 0.69 9.99
CA LYS B 444 0.49 2.11 10.28
C LYS B 444 -0.92 2.69 10.14
N VAL B 445 -1.25 3.63 11.04
CA VAL B 445 -2.43 4.47 10.87
C VAL B 445 -1.96 5.91 10.72
N ASN B 446 -2.67 6.69 9.90
CA ASN B 446 -2.32 8.09 9.69
C ASN B 446 -3.07 9.06 10.59
N ARG B 447 -4.11 8.57 11.26
CA ARG B 447 -4.99 9.45 12.03
C ARG B 447 -5.38 8.87 13.38
N PRO B 448 -5.71 9.74 14.35
CA PRO B 448 -5.62 11.20 14.24
C PRO B 448 -4.17 11.63 14.13
N GLU B 449 -3.30 10.80 14.68
CA GLU B 449 -1.87 11.04 14.65
C GLU B 449 -1.25 9.76 14.13
N PRO B 450 -0.22 9.88 13.28
CA PRO B 450 0.34 8.66 12.70
C PRO B 450 1.00 7.77 13.76
N GLN B 451 0.66 6.48 13.77
CA GLN B 451 1.29 5.51 14.64
C GLN B 451 1.74 4.35 13.79
N SER B 452 2.98 3.93 14.00
CA SER B 452 3.57 2.87 13.21
C SER B 452 4.22 1.81 14.11
N VAL B 453 4.07 0.56 13.71
CA VAL B 453 4.73 -0.57 14.37
C VAL B 453 5.38 -1.48 13.34
N GLU B 454 6.63 -1.88 13.59
CA GLU B 454 7.29 -2.84 12.71
C GLU B 454 7.41 -4.22 13.36
N LEU B 455 7.04 -5.27 12.64
CA LEU B 455 7.20 -6.60 13.20
C LEU B 455 8.25 -7.36 12.43
N GLY B 456 9.45 -7.42 13.00
CA GLY B 456 10.60 -7.97 12.34
C GLY B 456 10.74 -9.46 12.59
N ASP B 457 10.07 -9.94 13.63
CA ASP B 457 10.19 -11.33 14.01
C ASP B 457 8.98 -12.11 13.52
N PRO B 458 9.17 -12.96 12.49
CA PRO B 458 8.04 -13.72 11.94
C PRO B 458 7.52 -14.82 12.87
N PHE B 459 8.31 -15.25 13.85
CA PHE B 459 7.88 -16.26 14.82
C PHE B 459 7.01 -15.73 15.97
N SER B 460 7.07 -14.42 16.22
CA SER B 460 6.42 -13.90 17.42
C SER B 460 4.95 -13.57 17.21
N ALA B 461 4.09 -14.20 18.01
CA ALA B 461 2.64 -13.89 18.04
C ALA B 461 2.23 -12.93 19.16
N VAL B 462 3.18 -12.34 19.85
CA VAL B 462 2.83 -11.51 20.99
C VAL B 462 3.65 -10.22 20.97
N ASN B 463 2.97 -9.08 20.96
CA ASN B 463 3.69 -7.81 20.90
C ASN B 463 2.96 -6.64 21.55
N SER B 464 3.63 -5.94 22.47
CA SER B 464 3.01 -4.85 23.22
C SER B 464 2.62 -3.65 22.36
N GLU B 465 3.47 -3.30 21.40
CA GLU B 465 3.17 -2.18 20.50
C GLU B 465 1.89 -2.43 19.70
N VAL B 466 1.67 -3.68 19.33
CA VAL B 466 0.44 -4.07 18.66
C VAL B 466 -0.80 -3.89 19.55
N ASP B 467 -0.73 -4.36 20.80
CA ASP B 467 -1.84 -4.14 21.74
C ASP B 467 -2.22 -2.68 21.82
N GLN B 468 -1.21 -1.83 21.90
CA GLN B 468 -1.44 -0.40 22.05
C GLN B 468 -1.93 0.25 20.78
N LEU B 469 -1.47 -0.25 19.63
CA LEU B 469 -1.92 0.28 18.35
C LEU B 469 -3.42 0.03 18.26
N ILE B 470 -3.83 -1.19 18.58
CA ILE B 470 -5.24 -1.55 18.57
C ILE B 470 -6.02 -0.71 19.59
N GLU B 471 -5.42 -0.42 20.73
CA GLU B 471 -6.08 0.44 21.71
C GLU B 471 -6.23 1.88 21.17
N TYR B 472 -5.15 2.40 20.58
CA TYR B 472 -5.19 3.71 19.95
C TYR B 472 -6.31 3.80 18.88
N MET B 473 -6.42 2.77 18.04
CA MET B 473 -7.49 2.74 17.03
C MET B 473 -8.87 2.74 17.68
N THR B 474 -9.01 2.02 18.78
CA THR B 474 -10.30 1.88 19.43
C THR B 474 -10.73 3.20 20.03
N VAL B 475 -9.81 3.86 20.70
CA VAL B 475 -10.12 5.07 21.42
C VAL B 475 -10.50 6.21 20.49
N HIS B 476 -9.87 6.26 19.32
CA HIS B 476 -10.08 7.37 18.42
C HIS B 476 -11.11 7.10 17.33
N ALA B 477 -11.75 5.95 17.39
CA ALA B 477 -12.68 5.54 16.35
C ALA B 477 -14.03 6.23 16.52
N GLU B 478 -14.67 6.54 15.40
CA GLU B 478 -15.96 7.24 15.36
C GLU B 478 -17.05 6.45 16.07
#